data_9IH0
#
_entry.id   9IH0
#
_cell.length_a   143.257
_cell.length_b   147.977
_cell.length_c   62.464
_cell.angle_alpha   90.00
_cell.angle_beta   104.95
_cell.angle_gamma   90.00
#
_symmetry.space_group_name_H-M   'C 1 2 1'
#
loop_
_entity.id
_entity.type
_entity.pdbx_description
1 polymer 'Serpin A12'
2 non-polymer dodecaphosphate
3 non-polymer 'SULFATE ION'
4 water water
#
_entity_poly.entity_id   1
_entity_poly.type   'polypeptide(L)'
_entity_poly.pdbx_seq_one_letter_code
;GHHHHHHHHHHSSGHIEGRHMKPSFSPRNYKALSEVQGWKQRMAAKELARQNMDLGFKLLKKLAFYNPGRNIFLSPLSIS
TAFSMLCLGAQDSTLDEIKQGFNFRKMPEKDLHEGFHYIIHELTQKTQDLKLSIGNTLFIDQRLQPQRKFLEDAKNFYSA
ETILTNFQNLEMAQKQINDFISQKTHGKINNLIENIDPGTVMLLANYIFFRARWKHEFDPNVTKEEDFFLEKNSSVKVPM
MFRSGIYQVGYDDKLSCTILEIPYQKNITAIFILPDEGKLKHLEKGLQVDTFSRWKTLLSRRVVDVSVPRLHMTGTFDLK
KTLSYIGVSKIFEEHGDLTKIAPHRSLKVGEAVHKAELKMDERGTEGAAGTGAQTLPMETPLVVKIDKPYLLLIYSEKIP
SVLFLGKIVNPIGK
;
_entity_poly.pdbx_strand_id   A,B
#
# COMPACT_ATOMS: atom_id res chain seq x y z
N VAL A 36 -5.95 -5.66 -39.44
CA VAL A 36 -7.13 -4.80 -39.53
C VAL A 36 -8.18 -5.32 -38.56
N GLN A 37 -8.71 -4.42 -37.73
CA GLN A 37 -9.60 -4.76 -36.62
C GLN A 37 -8.82 -5.41 -35.48
N GLY A 38 -7.49 -5.50 -35.59
CA GLY A 38 -6.71 -6.25 -34.62
C GLY A 38 -6.99 -7.73 -34.64
N TRP A 39 -7.53 -8.24 -35.75
CA TRP A 39 -7.93 -9.64 -35.81
C TRP A 39 -6.72 -10.56 -35.64
N LYS A 40 -5.62 -10.27 -36.35
CA LYS A 40 -4.45 -11.13 -36.24
C LYS A 40 -3.88 -11.09 -34.83
N GLN A 41 -3.79 -9.89 -34.25
CA GLN A 41 -3.28 -9.78 -32.88
C GLN A 41 -4.18 -10.50 -31.90
N ARG A 42 -5.50 -10.38 -32.09
CA ARG A 42 -6.44 -11.05 -31.19
C ARG A 42 -6.46 -12.56 -31.41
N MET A 43 -6.12 -13.03 -32.60
CA MET A 43 -6.01 -14.46 -32.82
C MET A 43 -4.74 -15.00 -32.18
N ALA A 44 -3.62 -14.28 -32.34
CA ALA A 44 -2.40 -14.67 -31.65
C ALA A 44 -2.61 -14.70 -30.14
N ALA A 45 -3.31 -13.69 -29.60
CA ALA A 45 -3.57 -13.67 -28.17
C ALA A 45 -4.37 -14.88 -27.73
N LYS A 46 -5.40 -15.25 -28.49
CA LYS A 46 -6.23 -16.38 -28.12
C LYS A 46 -5.45 -17.69 -28.20
N GLU A 47 -4.61 -17.84 -29.22
CA GLU A 47 -3.80 -19.04 -29.32
C GLU A 47 -2.78 -19.10 -28.20
N LEU A 48 -2.16 -17.97 -27.86
CA LEU A 48 -1.21 -17.94 -26.76
C LEU A 48 -1.90 -18.21 -25.44
N ALA A 49 -3.07 -17.58 -25.23
CA ALA A 49 -3.80 -17.78 -23.98
C ALA A 49 -4.27 -19.23 -23.83
N ARG A 50 -4.67 -19.85 -24.94
CA ARG A 50 -5.11 -21.24 -24.88
C ARG A 50 -3.96 -22.16 -24.53
N GLN A 51 -2.83 -22.03 -25.25
CA GLN A 51 -1.67 -22.85 -24.93
C GLN A 51 -1.22 -22.65 -23.49
N ASN A 52 -1.43 -21.45 -22.93
CA ASN A 52 -0.99 -21.16 -21.58
C ASN A 52 -1.82 -21.91 -20.54
N MET A 53 -3.06 -22.28 -20.87
CA MET A 53 -3.85 -23.08 -19.94
C MET A 53 -3.19 -24.43 -19.70
N ASP A 54 -2.60 -25.02 -20.74
CA ASP A 54 -1.89 -26.29 -20.57
C ASP A 54 -0.68 -26.12 -19.67
N LEU A 55 0.09 -25.04 -19.86
CA LEU A 55 1.24 -24.79 -18.99
C LEU A 55 0.81 -24.65 -17.54
N GLY A 56 -0.23 -23.87 -17.29
CA GLY A 56 -0.68 -23.67 -15.92
C GLY A 56 -0.98 -24.96 -15.20
N PHE A 57 -1.69 -25.88 -15.87
CA PHE A 57 -2.01 -27.15 -15.24
C PHE A 57 -0.76 -28.00 -15.04
N LYS A 58 0.23 -27.87 -15.92
CA LYS A 58 1.48 -28.59 -15.72
C LYS A 58 2.25 -28.04 -14.53
N LEU A 59 2.29 -26.71 -14.39
CA LEU A 59 3.00 -26.11 -13.27
C LEU A 59 2.28 -26.40 -11.95
N LEU A 60 0.96 -26.33 -11.94
CA LEU A 60 0.22 -26.59 -10.71
C LEU A 60 0.46 -28.01 -10.21
N LYS A 61 0.50 -28.98 -11.13
CA LYS A 61 0.75 -30.37 -10.74
C LYS A 61 2.13 -30.52 -10.13
N LYS A 62 3.16 -29.88 -10.72
CA LYS A 62 4.51 -30.02 -10.22
C LYS A 62 4.71 -29.24 -8.93
N LEU A 63 4.12 -28.05 -8.83
CA LEU A 63 4.28 -27.24 -7.63
C LEU A 63 3.59 -27.87 -6.43
N ALA A 64 2.44 -28.52 -6.67
CA ALA A 64 1.74 -29.17 -5.57
C ALA A 64 2.44 -30.46 -5.14
N PHE A 65 3.14 -31.11 -6.06
CA PHE A 65 3.86 -32.32 -5.71
C PHE A 65 5.05 -32.02 -4.82
N TYR A 66 5.80 -30.96 -5.13
CA TYR A 66 6.99 -30.59 -4.38
C TYR A 66 6.67 -29.68 -3.20
N ASN A 67 5.43 -29.22 -3.07
CA ASN A 67 5.01 -28.36 -1.95
C ASN A 67 3.67 -28.87 -1.42
N PRO A 68 3.64 -30.10 -0.91
CA PRO A 68 2.37 -30.68 -0.46
C PRO A 68 1.81 -29.98 0.75
N GLY A 69 0.48 -30.06 0.89
CA GLY A 69 -0.21 -29.51 2.03
C GLY A 69 -0.14 -28.01 2.16
N ARG A 70 0.18 -27.31 1.08
CA ARG A 70 0.27 -25.86 1.10
C ARG A 70 -0.59 -25.25 -0.01
N ASN A 71 -1.06 -24.03 0.21
CA ASN A 71 -1.73 -23.28 -0.83
C ASN A 71 -0.76 -23.00 -1.97
N ILE A 72 -1.23 -23.15 -3.20
CA ILE A 72 -0.45 -22.83 -4.39
C ILE A 72 -1.28 -21.86 -5.23
N PHE A 73 -0.87 -20.60 -5.27
CA PHE A 73 -1.59 -19.56 -5.98
C PHE A 73 -0.62 -18.81 -6.87
N LEU A 74 -0.82 -18.90 -8.18
CA LEU A 74 0.10 -18.27 -9.13
C LEU A 74 -0.71 -17.80 -10.34
N SER A 75 -0.02 -17.10 -11.24
CA SER A 75 -0.60 -16.66 -12.51
C SER A 75 0.27 -17.19 -13.65
N PRO A 76 -0.07 -18.34 -14.22
CA PRO A 76 0.76 -18.88 -15.32
C PRO A 76 0.86 -17.92 -16.50
N LEU A 77 -0.21 -17.17 -16.79
CA LEU A 77 -0.16 -16.21 -17.88
C LEU A 77 0.90 -15.15 -17.63
N SER A 78 0.92 -14.58 -16.42
CA SER A 78 1.91 -13.57 -16.09
C SER A 78 3.32 -14.10 -16.26
N ILE A 79 3.57 -15.33 -15.81
CA ILE A 79 4.90 -15.93 -15.97
C ILE A 79 5.29 -15.99 -17.44
N SER A 80 4.33 -16.30 -18.31
CA SER A 80 4.64 -16.44 -19.74
C SER A 80 5.01 -15.11 -20.36
N THR A 81 4.34 -14.02 -19.96
CA THR A 81 4.70 -12.70 -20.49
C THR A 81 6.16 -12.38 -20.19
N ALA A 82 6.65 -12.78 -19.02
CA ALA A 82 8.01 -12.44 -18.62
C ALA A 82 9.02 -13.09 -19.55
N PHE A 83 8.83 -14.37 -19.86
CA PHE A 83 9.81 -15.11 -20.64
C PHE A 83 9.57 -15.02 -22.14
N SER A 84 8.38 -14.59 -22.57
CA SER A 84 8.23 -14.14 -23.94
C SER A 84 8.93 -12.80 -24.15
N MET A 85 8.89 -11.92 -23.15
CA MET A 85 9.58 -10.64 -23.24
C MET A 85 11.08 -10.85 -23.32
N LEU A 86 11.61 -11.85 -22.60
CA LEU A 86 13.04 -12.13 -22.67
C LEU A 86 13.43 -12.71 -24.02
N CYS A 87 12.49 -13.31 -24.76
CA CYS A 87 12.78 -13.74 -26.11
C CYS A 87 13.12 -12.58 -27.03
N LEU A 88 12.82 -11.34 -26.62
CA LEU A 88 13.26 -10.17 -27.39
C LEU A 88 14.77 -10.01 -27.37
N GLY A 89 15.46 -10.57 -26.36
CA GLY A 89 16.89 -10.35 -26.21
C GLY A 89 17.72 -11.61 -26.12
N ALA A 90 17.09 -12.77 -26.22
CA ALA A 90 17.79 -14.05 -26.18
C ALA A 90 18.05 -14.56 -27.59
N GLN A 91 19.04 -15.45 -27.69
CA GLN A 91 19.40 -16.04 -28.98
C GLN A 91 19.81 -17.50 -28.78
N ASP A 92 19.90 -18.20 -29.91
CA ASP A 92 20.52 -19.54 -29.98
C ASP A 92 19.88 -20.45 -28.95
N SER A 93 20.66 -21.21 -28.17
CA SER A 93 20.08 -22.25 -27.33
C SER A 93 19.11 -21.68 -26.31
N THR A 94 19.44 -20.55 -25.69
CA THR A 94 18.57 -19.98 -24.66
C THR A 94 17.21 -19.62 -25.25
N LEU A 95 17.21 -18.96 -26.40
CA LEU A 95 15.94 -18.60 -27.04
C LEU A 95 15.15 -19.84 -27.44
N ASP A 96 15.85 -20.84 -28.00
CA ASP A 96 15.14 -22.02 -28.48
C ASP A 96 14.55 -22.82 -27.34
N GLU A 97 15.26 -22.92 -26.22
CA GLU A 97 14.75 -23.70 -25.10
C GLU A 97 13.55 -23.02 -24.44
N ILE A 98 13.50 -21.68 -24.47
CA ILE A 98 12.36 -20.97 -23.93
C ILE A 98 11.13 -21.23 -24.79
N LYS A 99 11.27 -21.07 -26.12
CA LYS A 99 10.14 -21.29 -27.01
C LYS A 99 9.69 -22.74 -26.97
N GLN A 100 10.63 -23.67 -26.79
CA GLN A 100 10.26 -25.09 -26.65
C GLN A 100 9.46 -25.31 -25.37
N GLY A 101 10.01 -24.87 -24.23
CA GLY A 101 9.36 -25.15 -22.96
C GLY A 101 8.03 -24.44 -22.79
N PHE A 102 7.89 -23.24 -23.36
CA PHE A 102 6.66 -22.48 -23.29
C PHE A 102 5.77 -22.68 -24.51
N ASN A 103 6.23 -23.45 -25.49
CA ASN A 103 5.44 -23.74 -26.69
C ASN A 103 5.15 -22.47 -27.48
N PHE A 104 6.20 -21.67 -27.69
CA PHE A 104 6.14 -20.49 -28.53
C PHE A 104 6.60 -20.76 -29.96
N ARG A 105 7.05 -22.00 -30.24
CA ARG A 105 7.62 -22.31 -31.54
C ARG A 105 6.57 -22.40 -32.65
N LYS A 106 5.29 -22.43 -32.30
CA LYS A 106 4.25 -22.70 -33.29
C LYS A 106 3.88 -21.47 -34.11
N MET A 107 4.24 -20.27 -33.69
CA MET A 107 3.91 -19.05 -34.40
C MET A 107 5.14 -18.16 -34.54
N PRO A 108 5.15 -17.26 -35.51
CA PRO A 108 6.32 -16.38 -35.67
C PRO A 108 6.50 -15.47 -34.47
N GLU A 109 7.75 -15.05 -34.26
CA GLU A 109 8.04 -14.18 -33.13
C GLU A 109 7.29 -12.86 -33.24
N LYS A 110 7.17 -12.32 -34.46
CA LYS A 110 6.42 -11.09 -34.64
C LYS A 110 5.02 -11.22 -34.05
N ASP A 111 4.37 -12.36 -34.28
CA ASP A 111 3.02 -12.57 -33.76
C ASP A 111 3.02 -12.94 -32.29
N LEU A 112 4.07 -13.60 -31.81
CA LEU A 112 4.19 -13.89 -30.38
C LEU A 112 4.13 -12.60 -29.56
N HIS A 113 4.96 -11.62 -29.92
CA HIS A 113 5.02 -10.39 -29.15
C HIS A 113 3.80 -9.51 -29.37
N GLU A 114 3.22 -9.57 -30.58
CA GLU A 114 1.98 -8.84 -30.82
C GLU A 114 0.81 -9.46 -30.07
N GLY A 115 0.83 -10.78 -29.89
CA GLY A 115 -0.23 -11.42 -29.13
C GLY A 115 -0.20 -11.08 -27.66
N PHE A 116 0.99 -11.20 -27.04
CA PHE A 116 1.10 -10.86 -25.63
C PHE A 116 0.91 -9.37 -25.39
N HIS A 117 1.34 -8.52 -26.31
CA HIS A 117 1.06 -7.10 -26.18
C HIS A 117 -0.45 -6.87 -26.14
N TYR A 118 -1.20 -7.65 -26.93
CA TYR A 118 -2.66 -7.53 -26.92
C TYR A 118 -3.23 -8.01 -25.59
N ILE A 119 -2.75 -9.14 -25.10
CA ILE A 119 -3.23 -9.67 -23.82
C ILE A 119 -3.03 -8.64 -22.73
N ILE A 120 -1.80 -8.15 -22.58
CA ILE A 120 -1.50 -7.20 -21.53
C ILE A 120 -2.38 -5.95 -21.66
N HIS A 121 -2.55 -5.47 -22.89
CA HIS A 121 -3.31 -4.23 -23.09
C HIS A 121 -4.76 -4.41 -22.67
N GLU A 122 -5.40 -5.49 -23.14
CA GLU A 122 -6.81 -5.71 -22.80
C GLU A 122 -7.00 -5.86 -21.29
N LEU A 123 -6.16 -6.66 -20.65
CA LEU A 123 -6.32 -6.91 -19.22
C LEU A 123 -6.05 -5.67 -18.39
N THR A 124 -4.84 -5.10 -18.53
CA THR A 124 -4.42 -3.95 -17.75
C THR A 124 -5.51 -2.90 -17.60
N GLN A 125 -6.05 -2.79 -16.38
CA GLN A 125 -7.13 -1.85 -16.10
C GLN A 125 -6.99 -1.33 -14.69
N LYS A 126 -7.38 -0.07 -14.49
CA LYS A 126 -7.39 0.56 -13.18
C LYS A 126 -8.72 1.29 -12.96
N THR A 127 -9.82 0.57 -13.19
CA THR A 127 -11.16 1.11 -12.98
C THR A 127 -11.68 0.68 -11.63
N GLN A 128 -12.87 1.17 -11.28
CA GLN A 128 -13.47 0.84 -9.99
C GLN A 128 -13.92 -0.60 -9.94
N ASP A 129 -14.34 -1.16 -11.08
CA ASP A 129 -14.83 -2.53 -11.14
C ASP A 129 -13.73 -3.55 -11.38
N LEU A 130 -12.54 -3.12 -11.80
CA LEU A 130 -11.45 -4.06 -12.10
C LEU A 130 -10.13 -3.35 -12.04
N LYS A 131 -9.25 -3.77 -11.12
CA LYS A 131 -7.87 -3.31 -11.06
C LYS A 131 -6.97 -4.51 -11.34
N LEU A 132 -6.38 -4.54 -12.54
CA LEU A 132 -5.53 -5.63 -12.96
C LEU A 132 -4.29 -5.05 -13.63
N SER A 133 -3.12 -5.54 -13.24
CA SER A 133 -1.87 -5.10 -13.82
C SER A 133 -0.88 -6.25 -13.81
N ILE A 134 -0.18 -6.44 -14.93
CA ILE A 134 0.88 -7.43 -15.06
C ILE A 134 2.18 -6.65 -15.19
N GLY A 135 3.12 -6.92 -14.28
CA GLY A 135 4.35 -6.16 -14.19
C GLY A 135 5.55 -7.04 -14.52
N ASN A 136 6.41 -6.51 -15.37
CA ASN A 136 7.68 -7.14 -15.73
C ASN A 136 8.76 -6.08 -15.58
N THR A 137 9.76 -6.34 -14.75
CA THR A 137 10.81 -5.38 -14.47
C THR A 137 12.14 -6.11 -14.47
N LEU A 138 13.06 -5.68 -15.32
CA LEU A 138 14.39 -6.26 -15.42
C LEU A 138 15.36 -5.30 -14.73
N PHE A 139 15.96 -5.74 -13.65
CA PHE A 139 16.98 -4.96 -12.94
C PHE A 139 18.35 -5.45 -13.40
N ILE A 140 19.13 -4.53 -13.97
CA ILE A 140 20.44 -4.84 -14.53
C ILE A 140 21.48 -4.03 -13.79
N ASP A 141 22.65 -4.63 -13.55
CA ASP A 141 23.73 -3.93 -12.86
C ASP A 141 24.15 -2.70 -13.67
N GLN A 142 24.48 -1.62 -12.95
CA GLN A 142 24.72 -0.34 -13.61
C GLN A 142 26.00 -0.33 -14.44
N ARG A 143 26.88 -1.30 -14.23
CA ARG A 143 28.08 -1.36 -15.07
C ARG A 143 27.76 -1.83 -16.48
N LEU A 144 26.67 -2.59 -16.66
CA LEU A 144 26.23 -3.03 -17.97
C LEU A 144 25.52 -1.91 -18.72
N GLN A 145 25.41 -2.09 -20.04
CA GLN A 145 24.80 -1.12 -20.94
C GLN A 145 23.62 -1.75 -21.67
N PRO A 146 22.41 -1.67 -21.12
CA PRO A 146 21.24 -2.22 -21.83
C PRO A 146 21.08 -1.60 -23.21
N GLN A 147 20.81 -2.45 -24.19
CA GLN A 147 20.67 -2.01 -25.57
C GLN A 147 19.31 -1.40 -25.83
N ARG A 148 19.29 -0.36 -26.67
CA ARG A 148 18.06 0.43 -26.86
C ARG A 148 16.99 -0.38 -27.57
N LYS A 149 17.36 -1.17 -28.57
CA LYS A 149 16.36 -1.98 -29.28
C LYS A 149 15.58 -2.86 -28.30
N PHE A 150 16.30 -3.56 -27.42
CA PHE A 150 15.62 -4.38 -26.42
C PHE A 150 14.78 -3.53 -25.49
N LEU A 151 15.35 -2.44 -24.97
CA LEU A 151 14.60 -1.58 -24.05
C LEU A 151 13.29 -1.11 -24.65
N GLU A 152 13.33 -0.69 -25.92
CA GLU A 152 12.12 -0.13 -26.53
C GLU A 152 11.11 -1.23 -26.84
N ASP A 153 11.57 -2.38 -27.33
CA ASP A 153 10.65 -3.49 -27.60
C ASP A 153 10.00 -3.99 -26.30
N ALA A 154 10.80 -4.14 -25.24
CA ALA A 154 10.25 -4.61 -23.97
C ALA A 154 9.24 -3.61 -23.41
N LYS A 155 9.45 -2.32 -23.63
CA LYS A 155 8.51 -1.32 -23.14
C LYS A 155 7.27 -1.24 -24.02
N ASN A 156 7.44 -1.32 -25.33
CA ASN A 156 6.32 -1.18 -26.25
C ASN A 156 5.44 -2.43 -26.23
N PHE A 157 6.05 -3.60 -26.35
CA PHE A 157 5.26 -4.83 -26.44
C PHE A 157 4.73 -5.27 -25.08
N TYR A 158 5.57 -5.21 -24.04
CA TYR A 158 5.24 -5.80 -22.76
C TYR A 158 5.11 -4.80 -21.62
N SER A 159 5.33 -3.51 -21.86
CA SER A 159 5.28 -2.51 -20.81
C SER A 159 6.28 -2.80 -19.70
N ALA A 160 7.38 -3.47 -20.04
CA ALA A 160 8.39 -3.88 -19.07
C ALA A 160 9.48 -2.81 -18.96
N GLU A 161 9.79 -2.43 -17.73
CA GLU A 161 10.85 -1.46 -17.46
C GLU A 161 12.17 -2.17 -17.21
N THR A 162 13.26 -1.50 -17.55
CA THR A 162 14.61 -1.97 -17.24
C THR A 162 15.28 -0.94 -16.36
N ILE A 163 15.43 -1.25 -15.08
CA ILE A 163 16.01 -0.34 -14.08
C ILE A 163 17.44 -0.77 -13.78
N LEU A 164 18.36 0.19 -13.77
CA LEU A 164 19.73 -0.09 -13.39
C LEU A 164 19.88 -0.12 -11.87
N THR A 165 20.63 -1.11 -11.38
CA THR A 165 20.81 -1.33 -9.95
C THR A 165 22.30 -1.55 -9.66
N ASN A 166 22.67 -1.31 -8.41
CA ASN A 166 24.06 -1.49 -7.94
C ASN A 166 24.12 -2.80 -7.17
N PHE A 167 24.31 -3.90 -7.90
CA PHE A 167 24.38 -5.21 -7.26
C PHE A 167 25.66 -5.43 -6.45
N GLN A 168 26.57 -4.46 -6.42
CA GLN A 168 27.73 -4.58 -5.54
C GLN A 168 27.36 -4.33 -4.08
N ASN A 169 26.20 -3.72 -3.84
CA ASN A 169 25.64 -3.57 -2.49
C ASN A 169 24.29 -4.28 -2.54
N LEU A 170 24.28 -5.56 -2.16
CA LEU A 170 23.08 -6.37 -2.32
C LEU A 170 21.97 -5.93 -1.39
N GLU A 171 22.31 -5.44 -0.19
CA GLU A 171 21.27 -4.93 0.71
C GLU A 171 20.57 -3.72 0.10
N MET A 172 21.32 -2.82 -0.52
CA MET A 172 20.71 -1.66 -1.16
C MET A 172 19.93 -2.08 -2.40
N ALA A 173 20.46 -3.03 -3.17
CA ALA A 173 19.78 -3.48 -4.38
C ALA A 173 18.42 -4.09 -4.04
N GLN A 174 18.37 -4.91 -3.00
CA GLN A 174 17.10 -5.53 -2.61
C GLN A 174 16.08 -4.49 -2.19
N LYS A 175 16.51 -3.45 -1.48
CA LYS A 175 15.56 -2.42 -1.06
C LYS A 175 15.14 -1.54 -2.24
N GLN A 176 16.07 -1.24 -3.14
CA GLN A 176 15.73 -0.50 -4.34
C GLN A 176 14.65 -1.24 -5.13
N ILE A 177 14.83 -2.55 -5.31
CA ILE A 177 13.89 -3.34 -6.09
C ILE A 177 12.53 -3.36 -5.41
N ASN A 178 12.50 -3.78 -4.15
CA ASN A 178 11.23 -3.94 -3.46
C ASN A 178 10.47 -2.62 -3.34
N ASP A 179 11.18 -1.51 -3.12
CA ASP A 179 10.52 -0.21 -3.04
C ASP A 179 9.90 0.17 -4.37
N PHE A 180 10.57 -0.15 -5.47
CA PHE A 180 10.03 0.11 -6.79
C PHE A 180 8.73 -0.65 -7.00
N ILE A 181 8.72 -1.95 -6.68
CA ILE A 181 7.53 -2.76 -6.89
C ILE A 181 6.39 -2.28 -6.00
N SER A 182 6.69 -2.00 -4.74
CA SER A 182 5.64 -1.53 -3.82
C SER A 182 5.04 -0.23 -4.31
N GLN A 183 5.90 0.70 -4.77
CA GLN A 183 5.40 1.97 -5.27
C GLN A 183 4.58 1.78 -6.54
N LYS A 184 5.07 0.95 -7.47
CA LYS A 184 4.38 0.77 -8.73
C LYS A 184 3.01 0.12 -8.55
N THR A 185 2.91 -0.83 -7.60
CA THR A 185 1.69 -1.58 -7.36
C THR A 185 0.84 -1.02 -6.24
N HIS A 186 1.20 0.16 -5.71
CA HIS A 186 0.46 0.79 -4.62
C HIS A 186 0.36 -0.16 -3.42
N GLY A 187 1.51 -0.72 -3.03
CA GLY A 187 1.57 -1.54 -1.84
C GLY A 187 0.89 -2.89 -1.93
N LYS A 188 0.56 -3.35 -3.14
CA LYS A 188 -0.04 -4.66 -3.31
C LYS A 188 1.01 -5.76 -3.42
N ILE A 189 2.14 -5.47 -4.03
CA ILE A 189 3.23 -6.43 -4.20
C ILE A 189 4.41 -5.89 -3.39
N ASN A 190 4.57 -6.38 -2.17
CA ASN A 190 5.63 -5.93 -1.27
C ASN A 190 6.61 -7.05 -0.95
N ASN A 191 7.85 -6.65 -0.68
CA ASN A 191 8.92 -7.59 -0.36
C ASN A 191 9.05 -8.66 -1.44
N LEU A 192 9.01 -8.24 -2.70
CA LEU A 192 9.09 -9.19 -3.81
C LEU A 192 10.36 -10.02 -3.71
N ILE A 193 11.50 -9.38 -3.43
CA ILE A 193 12.79 -10.06 -3.36
C ILE A 193 13.21 -10.18 -1.89
N GLU A 194 13.71 -11.37 -1.54
CA GLU A 194 14.19 -11.62 -0.18
CA GLU A 194 14.19 -11.62 -0.18
C GLU A 194 15.65 -12.03 -0.13
N ASN A 195 16.25 -12.41 -1.26
CA ASN A 195 17.65 -12.80 -1.28
C ASN A 195 18.19 -12.65 -2.69
N ILE A 196 19.43 -12.16 -2.80
CA ILE A 196 20.12 -12.01 -4.08
C ILE A 196 21.46 -12.69 -3.96
N ASP A 197 21.67 -13.74 -4.75
CA ASP A 197 22.96 -14.42 -4.74
C ASP A 197 24.07 -13.43 -5.09
N PRO A 198 25.23 -13.51 -4.42
CA PRO A 198 26.36 -12.67 -4.86
C PRO A 198 26.74 -13.01 -6.29
N GLY A 199 27.12 -11.97 -7.04
CA GLY A 199 27.44 -12.12 -8.44
C GLY A 199 26.29 -11.84 -9.39
N THR A 200 25.09 -11.64 -8.87
CA THR A 200 23.94 -11.32 -9.72
C THR A 200 24.17 -9.98 -10.41
N VAL A 201 23.92 -9.94 -11.71
CA VAL A 201 24.03 -8.70 -12.47
C VAL A 201 22.72 -8.43 -13.21
N MET A 202 21.81 -9.39 -13.18
CA MET A 202 20.50 -9.21 -13.81
C MET A 202 19.47 -9.99 -13.02
N LEU A 203 18.33 -9.35 -12.76
CA LEU A 203 17.27 -9.93 -11.94
C LEU A 203 15.93 -9.60 -12.59
N LEU A 204 15.07 -10.60 -12.66
CA LEU A 204 13.75 -10.46 -13.28
C LEU A 204 12.68 -10.55 -12.20
N ALA A 205 11.78 -9.56 -12.18
CA ALA A 205 10.64 -9.57 -11.29
C ALA A 205 9.37 -9.58 -12.12
N ASN A 206 8.57 -10.62 -11.96
CA ASN A 206 7.25 -10.72 -12.57
C ASN A 206 6.20 -10.73 -11.47
N TYR A 207 5.22 -9.83 -11.57
CA TYR A 207 4.25 -9.67 -10.50
C TYR A 207 2.92 -9.26 -11.10
N ILE A 208 1.84 -9.80 -10.52
CA ILE A 208 0.48 -9.50 -10.94
C ILE A 208 -0.39 -9.38 -9.70
N PHE A 209 -1.33 -8.45 -9.71
CA PHE A 209 -2.31 -8.32 -8.63
C PHE A 209 -3.70 -8.20 -9.25
N PHE A 210 -4.72 -8.25 -8.40
CA PHE A 210 -6.09 -8.38 -8.88
C PHE A 210 -7.07 -7.87 -7.84
N ARG A 211 -7.92 -6.93 -8.25
CA ARG A 211 -9.11 -6.53 -7.51
C ARG A 211 -10.24 -6.39 -8.52
N ALA A 212 -11.41 -6.92 -8.18
CA ALA A 212 -12.54 -6.82 -9.08
C ALA A 212 -13.85 -6.83 -8.29
N ARG A 213 -14.86 -6.19 -8.86
CA ARG A 213 -16.20 -6.19 -8.29
C ARG A 213 -17.00 -7.35 -8.84
N TRP A 214 -17.70 -8.06 -7.95
CA TRP A 214 -18.60 -9.10 -8.40
C TRP A 214 -19.71 -8.48 -9.26
N LYS A 215 -20.40 -9.32 -10.02
CA LYS A 215 -21.56 -8.83 -10.74
C LYS A 215 -22.70 -8.51 -9.77
N HIS A 216 -22.81 -9.28 -8.68
CA HIS A 216 -23.77 -9.03 -7.61
C HIS A 216 -23.04 -9.10 -6.28
N GLU A 217 -22.96 -7.96 -5.59
CA GLU A 217 -22.19 -7.88 -4.36
C GLU A 217 -22.74 -8.79 -3.28
N PHE A 218 -21.87 -9.17 -2.35
CA PHE A 218 -22.26 -9.91 -1.15
C PHE A 218 -22.55 -8.93 -0.02
N ASP A 219 -23.44 -9.31 0.87
CA ASP A 219 -23.75 -8.51 2.05
C ASP A 219 -22.67 -8.70 3.11
N PRO A 220 -21.89 -7.67 3.45
CA PRO A 220 -20.86 -7.84 4.49
C PRO A 220 -21.44 -8.23 5.84
N ASN A 221 -22.73 -7.98 6.10
CA ASN A 221 -23.29 -8.28 7.42
C ASN A 221 -23.58 -9.76 7.58
N VAL A 222 -24.01 -10.44 6.50
CA VAL A 222 -24.26 -11.88 6.57
C VAL A 222 -22.99 -12.70 6.57
N THR A 223 -21.82 -12.06 6.46
CA THR A 223 -20.55 -12.78 6.42
C THR A 223 -20.18 -13.20 7.84
N LYS A 224 -20.36 -14.48 8.14
CA LYS A 224 -20.05 -15.06 9.44
C LYS A 224 -18.79 -15.92 9.32
N GLU A 225 -18.24 -16.30 10.47
CA GLU A 225 -17.10 -17.20 10.51
C GLU A 225 -17.62 -18.63 10.65
N GLU A 226 -17.56 -19.39 9.56
CA GLU A 226 -18.02 -20.76 9.51
C GLU A 226 -16.82 -21.69 9.53
N ASP A 227 -17.09 -22.99 9.51
CA ASP A 227 -16.04 -24.00 9.56
C ASP A 227 -15.52 -24.31 8.17
N PHE A 228 -14.19 -24.42 8.06
CA PHE A 228 -13.53 -24.89 6.85
C PHE A 228 -12.76 -26.15 7.22
N PHE A 229 -13.17 -27.28 6.65
CA PHE A 229 -12.62 -28.58 7.04
C PHE A 229 -11.34 -28.84 6.25
N LEU A 230 -10.20 -28.66 6.93
CA LEU A 230 -8.92 -28.95 6.29
C LEU A 230 -8.79 -30.43 5.97
N GLU A 231 -9.31 -31.28 6.84
CA GLU A 231 -9.30 -32.72 6.66
C GLU A 231 -10.57 -33.30 7.26
N LYS A 232 -10.67 -34.62 7.24
CA LYS A 232 -11.79 -35.28 7.91
C LYS A 232 -11.72 -35.00 9.40
N ASN A 233 -12.79 -34.41 9.93
CA ASN A 233 -12.90 -34.11 11.36
C ASN A 233 -11.83 -33.12 11.82
N SER A 234 -11.35 -32.26 10.92
CA SER A 234 -10.40 -31.21 11.29
C SER A 234 -10.87 -29.92 10.63
N SER A 235 -11.30 -28.96 11.44
CA SER A 235 -11.92 -27.74 10.96
C SER A 235 -11.18 -26.52 11.48
N VAL A 236 -11.44 -25.38 10.82
CA VAL A 236 -10.93 -24.09 11.26
C VAL A 236 -11.96 -23.03 10.89
N LYS A 237 -11.99 -21.95 11.67
CA LYS A 237 -12.94 -20.87 11.46
C LYS A 237 -12.35 -19.88 10.46
N VAL A 238 -13.08 -19.64 9.38
CA VAL A 238 -12.62 -18.72 8.33
C VAL A 238 -13.77 -17.76 8.01
N PRO A 239 -13.49 -16.49 7.71
CA PRO A 239 -14.57 -15.59 7.27
C PRO A 239 -15.23 -16.15 6.02
N MET A 240 -16.54 -16.40 6.10
CA MET A 240 -17.29 -17.06 5.05
C MET A 240 -18.38 -16.12 4.55
N MET A 241 -18.28 -15.70 3.30
CA MET A 241 -19.31 -14.86 2.71
C MET A 241 -20.52 -15.70 2.34
N PHE A 242 -21.63 -15.03 2.03
CA PHE A 242 -22.85 -15.75 1.68
C PHE A 242 -23.74 -14.87 0.81
N ARG A 243 -24.36 -15.50 -0.19
CA ARG A 243 -25.37 -14.84 -1.00
C ARG A 243 -26.21 -15.92 -1.66
N SER A 244 -27.46 -15.57 -1.99
CA SER A 244 -28.37 -16.46 -2.68
C SER A 244 -28.77 -15.82 -4.00
N GLY A 245 -28.66 -16.56 -5.08
CA GLY A 245 -28.98 -16.02 -6.39
C GLY A 245 -28.73 -17.04 -7.47
N ILE A 246 -28.79 -16.57 -8.72
CA ILE A 246 -28.58 -17.45 -9.87
C ILE A 246 -27.10 -17.59 -10.14
N TYR A 247 -26.63 -18.83 -10.22
CA TYR A 247 -25.24 -19.14 -10.51
C TYR A 247 -25.18 -20.36 -11.40
N GLN A 248 -24.14 -20.40 -12.25
CA GLN A 248 -23.86 -21.58 -13.05
C GLN A 248 -23.23 -22.63 -12.15
N VAL A 249 -23.91 -23.75 -11.96
CA VAL A 249 -23.48 -24.77 -11.01
C VAL A 249 -23.70 -26.14 -11.61
N GLY A 250 -22.93 -27.11 -11.11
CA GLY A 250 -23.09 -28.48 -11.54
C GLY A 250 -22.33 -29.42 -10.64
N TYR A 251 -22.29 -30.69 -11.03
CA TYR A 251 -21.58 -31.69 -10.24
C TYR A 251 -21.13 -32.83 -11.15
N ASP A 252 -19.88 -33.25 -10.98
CA ASP A 252 -19.26 -34.29 -11.80
C ASP A 252 -19.11 -35.54 -10.95
N ASP A 253 -20.00 -36.52 -11.18
CA ASP A 253 -19.95 -37.77 -10.42
C ASP A 253 -18.76 -38.64 -10.79
N LYS A 254 -18.02 -38.29 -11.84
CA LYS A 254 -16.84 -39.08 -12.21
C LYS A 254 -15.65 -38.70 -11.34
N LEU A 255 -15.31 -37.41 -11.31
CA LEU A 255 -14.25 -36.91 -10.45
C LEU A 255 -14.77 -36.54 -9.06
N SER A 256 -16.08 -36.57 -8.85
CA SER A 256 -16.71 -36.29 -7.57
C SER A 256 -16.33 -34.89 -7.08
N CYS A 257 -16.69 -33.89 -7.87
N CYS A 257 -16.67 -33.90 -7.90
CA CYS A 257 -16.42 -32.51 -7.50
CA CYS A 257 -16.39 -32.50 -7.60
C CYS A 257 -17.57 -31.62 -7.95
C CYS A 257 -17.62 -31.65 -7.92
N THR A 258 -17.75 -30.52 -7.22
CA THR A 258 -18.75 -29.52 -7.52
C THR A 258 -18.11 -28.36 -8.28
N ILE A 259 -18.84 -27.81 -9.23
CA ILE A 259 -18.34 -26.73 -10.07
C ILE A 259 -19.29 -25.55 -9.91
N LEU A 260 -18.76 -24.41 -9.47
CA LEU A 260 -19.52 -23.19 -9.29
C LEU A 260 -18.83 -22.07 -10.06
N GLU A 261 -19.64 -21.17 -10.61
CA GLU A 261 -19.13 -19.98 -11.30
C GLU A 261 -19.76 -18.75 -10.67
N ILE A 262 -18.93 -17.89 -10.09
CA ILE A 262 -19.37 -16.59 -9.60
C ILE A 262 -18.79 -15.53 -10.52
N PRO A 263 -19.61 -14.84 -11.31
CA PRO A 263 -19.05 -13.94 -12.34
C PRO A 263 -18.69 -12.57 -11.77
N TYR A 264 -17.59 -12.03 -12.28
CA TYR A 264 -17.23 -10.65 -12.01
C TYR A 264 -17.95 -9.72 -12.98
N GLN A 265 -17.79 -8.41 -12.74
CA GLN A 265 -18.47 -7.43 -13.59
C GLN A 265 -17.80 -7.29 -14.95
N LYS A 266 -16.47 -7.18 -14.96
CA LYS A 266 -15.73 -6.86 -16.19
C LYS A 266 -15.31 -8.11 -16.93
N ASN A 267 -16.28 -8.95 -17.26
CA ASN A 267 -16.07 -10.10 -18.15
C ASN A 267 -15.02 -11.07 -17.63
N ILE A 268 -15.03 -11.31 -16.33
CA ILE A 268 -14.15 -12.28 -15.70
C ILE A 268 -15.00 -13.15 -14.77
N THR A 269 -14.59 -14.40 -14.61
CA THR A 269 -15.37 -15.37 -13.85
C THR A 269 -14.48 -16.13 -12.89
N ALA A 270 -14.98 -16.33 -11.67
CA ALA A 270 -14.31 -17.14 -10.66
C ALA A 270 -14.89 -18.55 -10.73
N ILE A 271 -14.04 -19.53 -10.97
CA ILE A 271 -14.44 -20.92 -11.14
C ILE A 271 -13.97 -21.68 -9.92
N PHE A 272 -14.90 -22.15 -9.10
CA PHE A 272 -14.60 -22.94 -7.93
C PHE A 272 -14.86 -24.42 -8.24
N ILE A 273 -13.82 -25.24 -8.13
CA ILE A 273 -13.95 -26.69 -8.24
C ILE A 273 -13.78 -27.22 -6.83
N LEU A 274 -14.88 -27.71 -6.24
CA LEU A 274 -14.88 -28.22 -4.89
C LEU A 274 -14.91 -29.74 -4.91
N PRO A 275 -13.78 -30.42 -4.76
CA PRO A 275 -13.83 -31.89 -4.72
C PRO A 275 -14.53 -32.35 -3.44
N ASP A 276 -15.18 -33.51 -3.54
CA ASP A 276 -15.73 -34.13 -2.35
C ASP A 276 -14.57 -34.51 -1.42
N GLU A 277 -14.90 -34.72 -0.16
CA GLU A 277 -13.87 -34.96 0.85
C GLU A 277 -12.87 -36.00 0.37
N GLY A 278 -11.60 -35.62 0.36
CA GLY A 278 -10.53 -36.54 0.02
C GLY A 278 -10.36 -36.82 -1.45
N LYS A 279 -11.05 -36.09 -2.33
CA LYS A 279 -10.97 -36.34 -3.76
C LYS A 279 -10.13 -35.31 -4.50
N LEU A 280 -9.49 -34.37 -3.78
CA LEU A 280 -8.68 -33.35 -4.44
C LEU A 280 -7.41 -33.96 -5.02
N LYS A 281 -6.77 -34.86 -4.27
CA LYS A 281 -5.51 -35.44 -4.75
C LYS A 281 -5.69 -36.16 -6.07
N HIS A 282 -6.74 -36.98 -6.19
CA HIS A 282 -7.03 -37.63 -7.46
C HIS A 282 -7.29 -36.60 -8.56
N LEU A 283 -7.98 -35.51 -8.22
CA LEU A 283 -8.29 -34.49 -9.22
C LEU A 283 -7.02 -33.84 -9.76
N GLU A 284 -6.06 -33.53 -8.88
CA GLU A 284 -4.85 -32.86 -9.33
C GLU A 284 -4.12 -33.70 -10.37
N LYS A 285 -3.99 -35.00 -10.13
CA LYS A 285 -3.33 -35.91 -11.06
C LYS A 285 -4.29 -36.16 -12.23
N GLY A 286 -4.12 -35.40 -13.31
CA GLY A 286 -4.98 -35.52 -14.47
C GLY A 286 -5.77 -34.28 -14.83
N LEU A 287 -5.65 -33.19 -14.07
CA LEU A 287 -6.38 -31.97 -14.41
C LEU A 287 -5.90 -31.44 -15.76
N GLN A 288 -6.83 -31.16 -16.66
CA GLN A 288 -6.52 -30.69 -18.00
C GLN A 288 -7.63 -29.76 -18.46
N VAL A 289 -7.38 -29.09 -19.59
CA VAL A 289 -8.43 -28.27 -20.20
C VAL A 289 -9.58 -29.16 -20.65
N ASP A 290 -9.27 -30.37 -21.14
CA ASP A 290 -10.32 -31.31 -21.49
C ASP A 290 -11.26 -31.57 -20.32
N THR A 291 -10.71 -31.62 -19.10
CA THR A 291 -11.56 -31.81 -17.93
C THR A 291 -12.51 -30.63 -17.74
N PHE A 292 -12.01 -29.40 -17.93
CA PHE A 292 -12.88 -28.24 -17.79
C PHE A 292 -13.90 -28.17 -18.92
N SER A 293 -13.46 -28.49 -20.15
CA SER A 293 -14.41 -28.51 -21.27
C SER A 293 -15.56 -29.47 -21.02
N ARG A 294 -15.28 -30.58 -20.33
CA ARG A 294 -16.36 -31.51 -19.99
C ARG A 294 -17.22 -30.97 -18.87
N TRP A 295 -16.61 -30.38 -17.83
CA TRP A 295 -17.38 -29.84 -16.73
C TRP A 295 -18.38 -28.78 -17.21
N LYS A 296 -18.00 -27.98 -18.20
CA LYS A 296 -18.92 -26.97 -18.72
C LYS A 296 -20.23 -27.61 -19.17
N THR A 297 -20.18 -28.86 -19.60
CA THR A 297 -21.39 -29.56 -20.01
C THR A 297 -22.34 -29.74 -18.84
N LEU A 298 -21.80 -29.93 -17.63
CA LEU A 298 -22.58 -30.26 -16.46
C LEU A 298 -23.18 -29.04 -15.77
N LEU A 299 -23.06 -27.86 -16.37
CA LEU A 299 -23.46 -26.61 -15.72
C LEU A 299 -24.86 -26.20 -16.15
N SER A 300 -25.48 -25.34 -15.34
CA SER A 300 -26.82 -24.83 -15.59
C SER A 300 -27.12 -23.71 -14.61
N ARG A 301 -27.80 -22.67 -15.09
CA ARG A 301 -28.15 -21.54 -14.24
C ARG A 301 -29.22 -21.97 -13.25
N ARG A 302 -28.88 -21.93 -11.96
CA ARG A 302 -29.77 -22.39 -10.90
C ARG A 302 -29.65 -21.48 -9.70
N VAL A 303 -30.72 -21.43 -8.91
CA VAL A 303 -30.69 -20.67 -7.66
C VAL A 303 -29.90 -21.46 -6.64
N VAL A 304 -28.86 -20.83 -6.08
CA VAL A 304 -27.93 -21.50 -5.18
C VAL A 304 -27.68 -20.61 -3.98
N ASP A 305 -27.61 -21.22 -2.79
CA ASP A 305 -27.19 -20.53 -1.58
C ASP A 305 -25.68 -20.75 -1.44
N VAL A 306 -24.90 -19.78 -1.91
CA VAL A 306 -23.45 -19.92 -2.00
C VAL A 306 -22.82 -19.44 -0.71
N SER A 307 -21.82 -20.17 -0.25
CA SER A 307 -21.01 -19.79 0.90
C SER A 307 -19.55 -19.88 0.49
N VAL A 308 -18.90 -18.74 0.32
CA VAL A 308 -17.56 -18.64 -0.24
C VAL A 308 -16.66 -18.03 0.81
N PRO A 309 -15.46 -18.57 1.04
CA PRO A 309 -14.55 -17.92 1.98
C PRO A 309 -13.96 -16.65 1.40
N ARG A 310 -13.71 -15.68 2.29
CA ARG A 310 -12.94 -14.51 1.90
C ARG A 310 -11.49 -14.92 1.68
N LEU A 311 -10.79 -14.19 0.82
CA LEU A 311 -9.42 -14.53 0.49
C LEU A 311 -8.56 -13.28 0.35
N HIS A 312 -7.30 -13.39 0.80
CA HIS A 312 -6.23 -12.44 0.48
C HIS A 312 -5.01 -13.31 0.15
N MET A 313 -4.96 -13.82 -1.07
CA MET A 313 -3.96 -14.79 -1.47
C MET A 313 -2.70 -14.10 -1.98
N THR A 314 -1.55 -14.65 -1.61
CA THR A 314 -0.26 -14.22 -2.15
C THR A 314 0.61 -15.44 -2.39
N GLY A 315 1.14 -15.55 -3.61
CA GLY A 315 2.05 -16.63 -3.92
C GLY A 315 3.35 -16.10 -4.47
N THR A 316 4.48 -16.53 -3.91
CA THR A 316 5.81 -16.12 -4.34
C THR A 316 6.58 -17.37 -4.77
N PHE A 317 7.17 -17.32 -5.96
CA PHE A 317 7.83 -18.48 -6.53
C PHE A 317 9.18 -18.11 -7.11
N ASP A 318 10.18 -18.94 -6.84
CA ASP A 318 11.48 -18.85 -7.50
C ASP A 318 11.34 -19.43 -8.89
N LEU A 319 11.35 -18.55 -9.90
CA LEU A 319 11.15 -19.00 -11.28
C LEU A 319 12.27 -19.90 -11.77
N LYS A 320 13.43 -19.89 -11.11
CA LYS A 320 14.50 -20.81 -11.49
C LYS A 320 14.09 -22.26 -11.22
N LYS A 321 13.52 -22.52 -10.04
CA LYS A 321 13.07 -23.86 -9.71
C LYS A 321 11.79 -24.19 -10.47
N THR A 322 10.85 -23.26 -10.55
CA THR A 322 9.59 -23.53 -11.22
C THR A 322 9.81 -23.94 -12.67
N LEU A 323 10.59 -23.14 -13.41
CA LEU A 323 10.80 -23.44 -14.81
C LEU A 323 11.62 -24.72 -15.01
N SER A 324 12.42 -25.11 -14.01
CA SER A 324 13.11 -26.40 -14.10
C SER A 324 12.11 -27.53 -14.30
N TYR A 325 10.88 -27.36 -13.80
CA TYR A 325 9.83 -28.36 -13.97
C TYR A 325 9.30 -28.44 -15.40
N ILE A 326 9.73 -27.56 -16.30
CA ILE A 326 9.28 -27.60 -17.68
C ILE A 326 10.49 -27.53 -18.63
N GLY A 327 11.68 -27.76 -18.08
CA GLY A 327 12.85 -27.88 -18.91
C GLY A 327 13.43 -26.59 -19.44
N VAL A 328 13.30 -25.49 -18.69
CA VAL A 328 13.92 -24.22 -19.05
C VAL A 328 14.92 -23.87 -17.95
N SER A 329 16.18 -23.68 -18.35
CA SER A 329 17.23 -23.39 -17.38
C SER A 329 18.32 -22.50 -17.98
N LYS A 330 18.52 -22.59 -19.29
CA LYS A 330 19.63 -21.89 -19.93
C LYS A 330 19.55 -20.38 -19.71
N ILE A 331 18.34 -19.83 -19.59
CA ILE A 331 18.20 -18.40 -19.38
C ILE A 331 18.85 -17.99 -18.05
N PHE A 332 18.91 -18.91 -17.09
CA PHE A 332 19.56 -18.67 -15.81
C PHE A 332 20.99 -19.21 -15.78
N GLU A 333 21.59 -19.42 -16.95
CA GLU A 333 22.92 -19.99 -17.07
C GLU A 333 23.74 -19.15 -18.03
N GLU A 334 25.06 -19.27 -17.92
CA GLU A 334 25.98 -18.43 -18.68
C GLU A 334 26.25 -19.08 -20.03
N HIS A 335 25.67 -18.49 -21.07
CA HIS A 335 25.96 -18.78 -22.46
C HIS A 335 26.15 -17.43 -23.16
N GLY A 336 26.39 -17.45 -24.46
CA GLY A 336 26.58 -16.21 -25.18
C GLY A 336 25.30 -15.69 -25.78
N ASP A 337 24.16 -15.97 -25.13
CA ASP A 337 22.86 -15.82 -25.77
C ASP A 337 22.10 -14.56 -25.38
N LEU A 338 22.58 -13.78 -24.43
CA LEU A 338 21.84 -12.62 -23.97
C LEU A 338 22.50 -11.29 -24.36
N THR A 339 23.31 -11.28 -25.41
CA THR A 339 24.02 -10.06 -25.78
C THR A 339 23.10 -8.96 -26.29
N LYS A 340 21.91 -9.31 -26.79
CA LYS A 340 20.99 -8.27 -27.24
C LYS A 340 20.40 -7.49 -26.07
N ILE A 341 20.44 -8.06 -24.86
CA ILE A 341 20.02 -7.32 -23.68
C ILE A 341 21.13 -6.39 -23.24
N ALA A 342 22.32 -6.94 -22.99
CA ALA A 342 23.48 -6.16 -22.61
C ALA A 342 24.74 -6.85 -23.10
N PRO A 343 25.69 -6.11 -23.69
CA PRO A 343 26.93 -6.74 -24.18
C PRO A 343 27.87 -7.14 -23.06
N HIS A 344 27.76 -8.38 -22.59
CA HIS A 344 28.65 -8.90 -21.56
C HIS A 344 28.70 -10.42 -21.72
N ARG A 345 29.91 -10.98 -21.63
CA ARG A 345 30.07 -12.40 -21.90
C ARG A 345 29.49 -13.27 -20.78
N SER A 346 29.48 -12.78 -19.55
CA SER A 346 29.01 -13.55 -18.41
C SER A 346 27.53 -13.36 -18.10
N LEU A 347 26.79 -12.67 -18.96
CA LEU A 347 25.42 -12.29 -18.60
C LEU A 347 24.52 -13.51 -18.49
N LYS A 348 23.67 -13.49 -17.47
CA LYS A 348 22.68 -14.52 -17.21
C LYS A 348 21.65 -13.95 -16.25
N VAL A 349 20.43 -14.45 -16.32
CA VAL A 349 19.41 -14.06 -15.35
C VAL A 349 19.76 -14.72 -14.03
N GLY A 350 20.39 -13.96 -13.13
CA GLY A 350 20.85 -14.54 -11.88
C GLY A 350 19.72 -14.90 -10.93
N GLU A 351 18.62 -14.16 -10.98
CA GLU A 351 17.50 -14.40 -10.09
C GLU A 351 16.21 -14.03 -10.79
N ALA A 352 15.16 -14.79 -10.52
CA ALA A 352 13.86 -14.55 -11.14
C ALA A 352 12.77 -14.94 -10.15
N VAL A 353 11.85 -14.03 -9.88
CA VAL A 353 10.80 -14.23 -8.89
C VAL A 353 9.46 -13.88 -9.51
N HIS A 354 8.44 -14.70 -9.20
CA HIS A 354 7.07 -14.43 -9.58
C HIS A 354 6.25 -14.24 -8.32
N LYS A 355 5.37 -13.24 -8.33
CA LYS A 355 4.48 -13.01 -7.20
C LYS A 355 3.10 -12.63 -7.71
N ALA A 356 2.09 -13.41 -7.34
CA ALA A 356 0.71 -13.14 -7.67
C ALA A 356 -0.05 -12.79 -6.40
N GLU A 357 -0.93 -11.80 -6.49
CA GLU A 357 -1.67 -11.32 -5.32
C GLU A 357 -3.12 -11.09 -5.72
N LEU A 358 -4.04 -11.55 -4.87
CA LEU A 358 -5.47 -11.44 -5.14
C LEU A 358 -6.22 -11.29 -3.83
N LYS A 359 -7.30 -10.50 -3.88
CA LYS A 359 -8.17 -10.30 -2.73
C LYS A 359 -9.60 -10.59 -3.15
N MET A 360 -10.26 -11.51 -2.43
CA MET A 360 -11.65 -11.87 -2.68
C MET A 360 -12.45 -11.47 -1.44
N ASP A 361 -13.35 -10.50 -1.59
CA ASP A 361 -14.17 -10.02 -0.49
C ASP A 361 -15.57 -9.77 -1.05
N GLU A 362 -16.38 -8.99 -0.31
CA GLU A 362 -17.78 -8.82 -0.67
C GLU A 362 -18.02 -7.80 -1.78
N ARG A 363 -17.03 -6.96 -2.08
CA ARG A 363 -17.27 -5.83 -2.98
C ARG A 363 -17.88 -6.30 -4.30
N GLY A 364 -18.86 -5.54 -4.77
CA GLY A 364 -19.51 -5.88 -6.02
C GLY A 364 -20.51 -4.81 -6.42
N THR A 365 -21.10 -5.00 -7.59
CA THR A 365 -22.16 -4.10 -8.06
C THR A 365 -23.37 -4.18 -7.14
N GLU A 366 -24.13 -3.09 -7.11
CA GLU A 366 -25.27 -2.95 -6.22
C GLU A 366 -26.58 -2.98 -6.98
N GLY A 367 -27.67 -3.19 -6.23
CA GLY A 367 -29.01 -3.06 -6.76
C GLY A 367 -29.29 -3.87 -8.01
N ALA A 368 -29.35 -5.20 -7.87
CA ALA A 368 -29.71 -6.03 -9.02
C ALA A 368 -30.24 -7.40 -8.61
N ALA A 369 -30.62 -7.61 -7.35
CA ALA A 369 -31.13 -8.87 -6.86
C ALA A 369 -32.40 -8.60 -6.06
N GLY A 370 -33.51 -9.21 -6.47
CA GLY A 370 -34.77 -8.98 -5.78
C GLY A 370 -35.20 -7.52 -5.91
N THR A 371 -35.57 -6.93 -4.77
CA THR A 371 -35.97 -5.53 -4.71
C THR A 371 -35.00 -4.76 -3.83
N GLY A 372 -34.62 -3.56 -4.28
CA GLY A 372 -33.69 -2.73 -3.54
C GLY A 372 -34.37 -1.58 -2.83
N MET A 378 -37.32 -18.06 -7.00
CA MET A 378 -37.72 -18.55 -8.31
C MET A 378 -37.92 -20.07 -8.29
N GLU A 379 -36.97 -20.79 -7.71
CA GLU A 379 -37.04 -22.25 -7.65
C GLU A 379 -36.44 -22.71 -6.32
N THR A 380 -36.33 -24.02 -6.16
CA THR A 380 -35.72 -24.61 -4.97
C THR A 380 -34.24 -24.24 -4.91
N PRO A 381 -33.80 -23.46 -3.92
CA PRO A 381 -32.38 -23.09 -3.86
C PRO A 381 -31.51 -24.32 -3.60
N LEU A 382 -30.45 -24.46 -4.40
CA LEU A 382 -29.41 -25.44 -4.08
C LEU A 382 -28.54 -24.90 -2.95
N VAL A 383 -27.57 -25.70 -2.51
CA VAL A 383 -26.69 -25.32 -1.42
C VAL A 383 -25.27 -25.75 -1.79
N VAL A 384 -24.36 -24.77 -1.87
CA VAL A 384 -22.95 -25.02 -2.19
C VAL A 384 -22.13 -24.23 -1.19
N LYS A 385 -21.43 -24.94 -0.31
CA LYS A 385 -20.56 -24.34 0.70
C LYS A 385 -19.13 -24.75 0.38
N ILE A 386 -18.30 -23.78 -0.03
CA ILE A 386 -16.88 -24.04 -0.24
C ILE A 386 -16.23 -24.09 1.13
N ASP A 387 -16.28 -25.25 1.79
CA ASP A 387 -15.78 -25.40 3.16
C ASP A 387 -14.75 -26.51 3.27
N LYS A 388 -14.06 -26.81 2.18
CA LYS A 388 -12.99 -27.81 2.20
C LYS A 388 -12.09 -27.56 1.00
N PRO A 389 -10.84 -28.07 1.04
CA PRO A 389 -9.87 -27.73 -0.01
C PRO A 389 -10.47 -27.71 -1.41
N TYR A 390 -10.24 -26.61 -2.13
CA TYR A 390 -10.84 -26.40 -3.44
C TYR A 390 -9.82 -25.79 -4.38
N LEU A 391 -10.18 -25.76 -5.66
CA LEU A 391 -9.38 -25.10 -6.69
C LEU A 391 -10.09 -23.81 -7.11
N LEU A 392 -9.32 -22.79 -7.44
CA LEU A 392 -9.83 -21.50 -7.86
C LEU A 392 -9.18 -21.11 -9.18
N LEU A 393 -10.01 -20.71 -10.15
CA LEU A 393 -9.54 -20.24 -11.44
C LEU A 393 -10.20 -18.91 -11.75
N ILE A 394 -9.40 -17.88 -11.94
CA ILE A 394 -9.89 -16.58 -12.41
C ILE A 394 -9.75 -16.59 -13.94
N TYR A 395 -10.87 -16.65 -14.64
CA TYR A 395 -10.90 -16.92 -16.07
C TYR A 395 -11.38 -15.69 -16.82
N SER A 396 -10.56 -15.19 -17.74
CA SER A 396 -10.95 -14.11 -18.64
C SER A 396 -11.80 -14.67 -19.77
N GLU A 397 -12.80 -13.89 -20.18
CA GLU A 397 -13.80 -14.34 -21.16
C GLU A 397 -13.59 -13.82 -22.58
N LYS A 398 -13.13 -12.58 -22.76
CA LYS A 398 -12.84 -12.09 -24.12
C LYS A 398 -11.70 -12.89 -24.75
N ILE A 399 -10.53 -12.86 -24.12
CA ILE A 399 -9.38 -13.64 -24.57
C ILE A 399 -9.28 -14.85 -23.64
N PRO A 400 -10.00 -15.95 -23.90
CA PRO A 400 -10.06 -17.04 -22.91
C PRO A 400 -8.67 -17.33 -22.34
N SER A 401 -8.49 -16.92 -21.10
CA SER A 401 -7.19 -16.92 -20.46
C SER A 401 -7.37 -17.22 -18.98
N VAL A 402 -6.50 -18.07 -18.43
CA VAL A 402 -6.50 -18.38 -17.01
C VAL A 402 -5.61 -17.34 -16.34
N LEU A 403 -6.21 -16.28 -15.80
CA LEU A 403 -5.44 -15.21 -15.18
C LEU A 403 -4.75 -15.70 -13.92
N PHE A 404 -5.47 -16.43 -13.07
CA PHE A 404 -4.91 -16.95 -11.82
C PHE A 404 -5.31 -18.42 -11.69
N LEU A 405 -4.48 -19.16 -10.96
CA LEU A 405 -4.69 -20.59 -10.74
C LEU A 405 -4.29 -20.89 -9.31
N GLY A 406 -5.25 -21.32 -8.51
CA GLY A 406 -5.01 -21.48 -7.08
C GLY A 406 -5.47 -22.81 -6.56
N LYS A 407 -4.68 -23.37 -5.64
CA LYS A 407 -5.05 -24.55 -4.87
C LYS A 407 -5.18 -24.10 -3.43
N ILE A 408 -6.40 -23.86 -2.97
CA ILE A 408 -6.65 -23.33 -1.63
C ILE A 408 -6.89 -24.51 -0.70
N VAL A 409 -5.88 -24.90 0.06
CA VAL A 409 -6.06 -25.92 1.08
C VAL A 409 -6.48 -25.31 2.41
N ASN A 410 -6.30 -24.00 2.59
CA ASN A 410 -6.73 -23.29 3.79
C ASN A 410 -6.84 -21.81 3.46
N PRO A 411 -8.06 -21.26 3.40
CA PRO A 411 -8.19 -19.86 2.94
C PRO A 411 -7.52 -18.84 3.85
N ILE A 412 -7.21 -19.17 5.09
CA ILE A 412 -6.52 -18.26 5.99
C ILE A 412 -5.11 -18.71 6.30
N GLY A 413 -4.66 -19.82 5.73
CA GLY A 413 -3.31 -20.29 5.90
C GLY A 413 -2.33 -19.63 4.93
N LYS A 414 -1.06 -20.00 5.09
CA LYS A 414 0.00 -19.43 4.27
C LYS A 414 -0.01 -17.92 4.34
N GLN B 37 -26.56 15.08 20.43
CA GLN B 37 -26.12 16.38 19.94
C GLN B 37 -24.62 16.41 19.69
N GLY B 38 -23.93 15.34 20.10
CA GLY B 38 -22.49 15.30 19.99
C GLY B 38 -21.79 16.46 20.68
N TRP B 39 -22.48 17.17 21.57
CA TRP B 39 -21.92 18.36 22.16
C TRP B 39 -20.70 18.04 23.01
N LYS B 40 -20.80 17.04 23.87
CA LYS B 40 -19.68 16.69 24.74
C LYS B 40 -18.49 16.21 23.93
N GLN B 41 -18.73 15.38 22.91
CA GLN B 41 -17.63 14.88 22.09
C GLN B 41 -16.96 16.01 21.33
N ARG B 42 -17.75 16.96 20.82
CA ARG B 42 -17.18 18.08 20.08
C ARG B 42 -16.47 19.06 21.00
N MET B 43 -16.87 19.13 22.28
CA MET B 43 -16.14 19.97 23.23
C MET B 43 -14.81 19.35 23.62
N ALA B 44 -14.81 18.03 23.89
CA ALA B 44 -13.56 17.35 24.17
C ALA B 44 -12.57 17.50 23.02
N ALA B 45 -13.06 17.35 21.79
CA ALA B 45 -12.19 17.50 20.62
C ALA B 45 -11.58 18.89 20.57
N LYS B 46 -12.37 19.92 20.85
CA LYS B 46 -11.87 21.28 20.77
C LYS B 46 -10.84 21.55 21.87
N GLU B 47 -11.08 21.05 23.08
CA GLU B 47 -10.11 21.24 24.15
C GLU B 47 -8.85 20.41 23.91
N LEU B 48 -9.01 19.19 23.40
CA LEU B 48 -7.84 18.38 23.09
C LEU B 48 -7.05 18.99 21.95
N ALA B 49 -7.73 19.48 20.91
CA ALA B 49 -7.03 20.09 19.78
C ALA B 49 -6.32 21.37 20.21
N ARG B 50 -6.92 22.13 21.11
CA ARG B 50 -6.30 23.37 21.58
C ARG B 50 -5.05 23.07 22.39
N GLN B 51 -5.16 22.18 23.38
CA GLN B 51 -4.00 21.78 24.15
C GLN B 51 -2.89 21.21 23.26
N ASN B 52 -3.27 20.55 22.16
CA ASN B 52 -2.28 19.97 21.27
C ASN B 52 -1.49 21.03 20.52
N MET B 53 -2.04 22.23 20.36
CA MET B 53 -1.26 23.30 19.72
C MET B 53 -0.03 23.65 20.55
N ASP B 54 -0.17 23.61 21.89
CA ASP B 54 0.98 23.85 22.74
C ASP B 54 2.03 22.77 22.57
N LEU B 55 1.60 21.51 22.52
CA LEU B 55 2.55 20.40 22.34
C LEU B 55 3.31 20.56 21.03
N GLY B 56 2.61 20.88 19.94
CA GLY B 56 3.28 21.01 18.66
C GLY B 56 4.42 22.02 18.69
N PHE B 57 4.18 23.18 19.30
CA PHE B 57 5.23 24.20 19.37
C PHE B 57 6.37 23.77 20.27
N LYS B 58 6.09 22.99 21.31
CA LYS B 58 7.17 22.51 22.16
C LYS B 58 8.05 21.51 21.41
N LEU B 59 7.46 20.62 20.63
CA LEU B 59 8.23 19.66 19.87
C LEU B 59 9.03 20.35 18.77
N LEU B 60 8.43 21.31 18.08
CA LEU B 60 9.13 22.02 17.01
C LEU B 60 10.37 22.74 17.55
N LYS B 61 10.26 23.34 18.73
CA LYS B 61 11.41 24.00 19.33
C LYS B 61 12.54 23.01 19.61
N LYS B 62 12.19 21.85 20.17
CA LYS B 62 13.22 20.88 20.52
C LYS B 62 13.76 20.18 19.27
N LEU B 63 12.89 19.86 18.31
CA LEU B 63 13.35 19.20 17.11
C LEU B 63 14.25 20.09 16.28
N ALA B 64 13.96 21.40 16.25
CA ALA B 64 14.81 22.33 15.50
C ALA B 64 16.12 22.60 16.22
N PHE B 65 16.13 22.53 17.56
CA PHE B 65 17.37 22.75 18.29
C PHE B 65 18.33 21.59 18.12
N TYR B 66 17.82 20.35 18.17
CA TYR B 66 18.66 19.17 18.03
C TYR B 66 18.88 18.75 16.58
N ASN B 67 18.19 19.38 15.63
CA ASN B 67 18.36 19.06 14.20
C ASN B 67 18.41 20.37 13.41
N PRO B 68 19.42 21.20 13.67
CA PRO B 68 19.49 22.49 12.96
C PRO B 68 19.77 22.31 11.48
N GLY B 69 19.33 23.28 10.70
CA GLY B 69 19.57 23.25 9.27
C GLY B 69 18.91 22.11 8.54
N ARG B 70 17.90 21.49 9.14
CA ARG B 70 17.18 20.38 8.54
C ARG B 70 15.68 20.67 8.55
N ASN B 71 14.98 20.08 7.58
CA ASN B 71 13.52 20.15 7.57
C ASN B 71 12.96 19.40 8.77
N ILE B 72 11.96 20.00 9.42
CA ILE B 72 11.23 19.36 10.51
C ILE B 72 9.75 19.49 10.16
N PHE B 73 9.14 18.38 9.76
CA PHE B 73 7.74 18.36 9.34
C PHE B 73 7.05 17.20 10.04
N LEU B 74 6.09 17.52 10.92
CA LEU B 74 5.40 16.50 11.70
C LEU B 74 3.95 16.90 11.86
N SER B 75 3.17 16.00 12.47
CA SER B 75 1.77 16.22 12.80
C SER B 75 1.58 16.00 14.30
N PRO B 76 1.64 17.06 15.10
CA PRO B 76 1.45 16.86 16.55
C PRO B 76 0.13 16.19 16.90
N LEU B 77 -0.94 16.46 16.14
CA LEU B 77 -2.21 15.80 16.40
C LEU B 77 -2.09 14.29 16.22
N SER B 78 -1.50 13.85 15.11
CA SER B 78 -1.36 12.43 14.86
C SER B 78 -0.57 11.75 15.99
N ILE B 79 0.52 12.36 16.43
CA ILE B 79 1.31 11.80 17.50
C ILE B 79 0.46 11.65 18.77
N SER B 80 -0.41 12.62 19.03
CA SER B 80 -1.21 12.59 20.25
C SER B 80 -2.22 11.45 20.22
N THR B 81 -2.80 11.17 19.06
CA THR B 81 -3.74 10.05 18.97
C THR B 81 -3.06 8.74 19.35
N ALA B 82 -1.80 8.57 18.96
CA ALA B 82 -1.09 7.32 19.22
C ALA B 82 -0.94 7.08 20.72
N PHE B 83 -0.53 8.10 21.46
CA PHE B 83 -0.24 7.93 22.88
C PHE B 83 -1.46 8.16 23.76
N SER B 84 -2.52 8.76 23.24
CA SER B 84 -3.82 8.66 23.93
C SER B 84 -4.38 7.26 23.78
N MET B 85 -4.18 6.63 22.61
CA MET B 85 -4.63 5.27 22.41
C MET B 85 -3.90 4.30 23.35
N LEU B 86 -2.61 4.56 23.60
CA LEU B 86 -1.87 3.72 24.54
C LEU B 86 -2.32 3.91 25.98
N CYS B 87 -2.93 5.06 26.31
CA CYS B 87 -3.50 5.24 27.64
C CYS B 87 -4.64 4.27 27.90
N LEU B 88 -5.18 3.62 26.86
CA LEU B 88 -6.14 2.56 27.06
C LEU B 88 -5.54 1.37 27.78
N GLY B 89 -4.21 1.22 27.71
CA GLY B 89 -3.54 0.05 28.26
C GLY B 89 -2.44 0.36 29.26
N ALA B 90 -2.21 1.63 29.57
CA ALA B 90 -1.20 2.02 30.53
C ALA B 90 -1.80 2.23 31.91
N GLN B 91 -0.93 2.13 32.92
CA GLN B 91 -1.36 2.31 34.30
C GLN B 91 -0.24 2.99 35.09
N ASP B 92 -0.59 3.45 36.29
CA ASP B 92 0.38 3.89 37.32
C ASP B 92 1.33 4.91 36.70
N SER B 93 2.64 4.78 36.91
CA SER B 93 3.56 5.85 36.53
C SER B 93 3.53 6.11 35.03
N THR B 94 3.48 5.05 34.22
CA THR B 94 3.50 5.22 32.77
C THR B 94 2.29 6.03 32.31
N LEU B 95 1.10 5.68 32.80
CA LEU B 95 -0.11 6.40 32.42
C LEU B 95 -0.03 7.85 32.87
N ASP B 96 0.45 8.10 34.09
CA ASP B 96 0.49 9.47 34.59
C ASP B 96 1.50 10.32 33.82
N GLU B 97 2.64 9.72 33.45
CA GLU B 97 3.65 10.49 32.72
C GLU B 97 3.20 10.80 31.30
N ILE B 98 2.38 9.94 30.70
CA ILE B 98 1.87 10.23 29.37
C ILE B 98 0.89 11.39 29.42
N LYS B 99 -0.06 11.34 30.36
CA LYS B 99 -1.04 12.42 30.47
C LYS B 99 -0.37 13.73 30.85
N GLN B 100 0.69 13.68 31.65
CA GLN B 100 1.42 14.88 32.01
C GLN B 100 2.06 15.52 30.78
N GLY B 101 2.84 14.73 30.02
CA GLY B 101 3.56 15.28 28.90
C GLY B 101 2.67 15.77 27.78
N PHE B 102 1.54 15.12 27.58
CA PHE B 102 0.59 15.50 26.54
C PHE B 102 -0.56 16.36 27.07
N ASN B 103 -0.60 16.62 28.38
CA ASN B 103 -1.62 17.46 28.99
C ASN B 103 -3.02 16.85 28.83
N PHE B 104 -3.14 15.56 29.17
CA PHE B 104 -4.42 14.86 29.18
C PHE B 104 -5.04 14.80 30.58
N ARG B 105 -4.38 15.35 31.59
CA ARG B 105 -4.87 15.24 32.96
C ARG B 105 -6.07 16.13 33.24
N LYS B 106 -6.41 17.04 32.34
CA LYS B 106 -7.45 18.01 32.62
C LYS B 106 -8.86 17.47 32.45
N MET B 107 -9.03 16.34 31.75
CA MET B 107 -10.35 15.79 31.50
C MET B 107 -10.38 14.29 31.78
N PRO B 108 -11.55 13.73 32.03
CA PRO B 108 -11.65 12.30 32.32
C PRO B 108 -11.22 11.46 31.13
N GLU B 109 -10.79 10.22 31.43
CA GLU B 109 -10.36 9.32 30.36
C GLU B 109 -11.49 9.00 29.40
N LYS B 110 -12.71 8.84 29.93
CA LYS B 110 -13.86 8.57 29.07
C LYS B 110 -14.00 9.64 28.00
N ASP B 111 -13.82 10.91 28.37
CA ASP B 111 -13.96 12.00 27.42
C ASP B 111 -12.72 12.15 26.55
N LEU B 112 -11.55 11.81 27.09
CA LEU B 112 -10.33 11.84 26.28
C LEU B 112 -10.47 10.95 25.05
N HIS B 113 -10.90 9.69 25.25
CA HIS B 113 -11.01 8.77 24.13
C HIS B 113 -12.21 9.09 23.26
N GLU B 114 -13.28 9.62 23.84
CA GLU B 114 -14.42 10.05 23.04
C GLU B 114 -14.06 11.27 22.20
N GLY B 115 -13.18 12.13 22.70
CA GLY B 115 -12.77 13.29 21.94
C GLY B 115 -11.92 12.93 20.74
N PHE B 116 -10.93 12.07 20.95
CA PHE B 116 -10.07 11.66 19.83
C PHE B 116 -10.84 10.81 18.83
N HIS B 117 -11.80 10.00 19.28
CA HIS B 117 -12.64 9.29 18.33
C HIS B 117 -13.37 10.26 17.43
N TYR B 118 -13.80 11.39 17.98
CA TYR B 118 -14.46 12.41 17.16
C TYR B 118 -13.48 13.06 16.20
N ILE B 119 -12.29 13.42 16.70
CA ILE B 119 -11.29 14.06 15.85
C ILE B 119 -10.96 13.17 14.65
N ILE B 120 -10.56 11.92 14.92
CA ILE B 120 -10.15 11.03 13.84
C ILE B 120 -11.28 10.84 12.84
N HIS B 121 -12.52 10.66 13.32
CA HIS B 121 -13.62 10.41 12.42
C HIS B 121 -13.87 11.61 11.51
N GLU B 122 -13.94 12.81 12.09
CA GLU B 122 -14.19 14.00 11.30
C GLU B 122 -13.10 14.18 10.26
N LEU B 123 -11.83 14.03 10.67
CA LEU B 123 -10.71 14.23 9.76
C LEU B 123 -10.66 13.14 8.70
N THR B 124 -10.62 11.87 9.13
CA THR B 124 -10.54 10.75 8.20
C THR B 124 -11.46 10.98 7.01
N GLN B 125 -10.88 11.31 5.86
CA GLN B 125 -11.67 11.70 4.69
C GLN B 125 -10.95 11.25 3.44
N LYS B 126 -11.74 10.87 2.44
CA LYS B 126 -11.27 10.48 1.11
C LYS B 126 -12.10 11.15 0.03
N THR B 127 -12.23 12.45 0.12
CA THR B 127 -12.96 13.25 -0.85
C THR B 127 -12.00 13.88 -1.85
N GLN B 128 -12.58 14.54 -2.87
CA GLN B 128 -11.75 15.17 -3.90
C GLN B 128 -11.04 16.40 -3.37
N ASP B 129 -11.66 17.15 -2.46
CA ASP B 129 -11.08 18.35 -1.91
C ASP B 129 -10.21 18.10 -0.68
N LEU B 130 -10.26 16.89 -0.11
CA LEU B 130 -9.50 16.58 1.10
C LEU B 130 -9.26 15.08 1.13
N LYS B 131 -7.99 14.69 1.08
CA LYS B 131 -7.57 13.29 1.25
C LYS B 131 -6.76 13.25 2.53
N LEU B 132 -7.36 12.73 3.60
CA LEU B 132 -6.72 12.72 4.91
C LEU B 132 -6.94 11.37 5.56
N SER B 133 -5.87 10.82 6.13
CA SER B 133 -5.95 9.54 6.82
C SER B 133 -4.98 9.54 7.98
N ILE B 134 -5.45 9.10 9.15
CA ILE B 134 -4.62 8.98 10.34
C ILE B 134 -4.52 7.50 10.67
N GLY B 135 -3.29 7.00 10.74
CA GLY B 135 -3.08 5.58 10.97
C GLY B 135 -2.36 5.29 12.27
N ASN B 136 -2.89 4.35 13.05
CA ASN B 136 -2.25 3.89 14.28
C ASN B 136 -2.26 2.38 14.29
N THR B 137 -1.08 1.77 14.40
CA THR B 137 -0.94 0.32 14.36
C THR B 137 0.05 -0.11 15.42
N LEU B 138 -0.39 -0.98 16.32
CA LEU B 138 0.46 -1.55 17.37
C LEU B 138 0.81 -2.99 17.00
N PHE B 139 2.09 -3.26 16.78
CA PHE B 139 2.57 -4.58 16.46
C PHE B 139 3.07 -5.25 17.73
N ILE B 140 2.48 -6.39 18.08
CA ILE B 140 2.81 -7.11 19.31
C ILE B 140 3.26 -8.52 18.93
N ASP B 141 4.26 -9.04 19.65
CA ASP B 141 4.73 -10.40 19.41
C ASP B 141 3.58 -11.39 19.60
N GLN B 142 3.53 -12.39 18.72
CA GLN B 142 2.39 -13.30 18.69
C GLN B 142 2.34 -14.26 19.86
N ARG B 143 3.45 -14.48 20.55
CA ARG B 143 3.44 -15.33 21.75
C ARG B 143 2.80 -14.62 22.93
N LEU B 144 2.79 -13.29 22.93
CA LEU B 144 2.10 -12.56 23.97
C LEU B 144 0.60 -12.64 23.71
N GLN B 145 -0.18 -12.33 24.74
CA GLN B 145 -1.64 -12.50 24.67
C GLN B 145 -2.30 -11.15 24.84
N PRO B 146 -2.52 -10.41 23.75
CA PRO B 146 -3.18 -9.11 23.86
C PRO B 146 -4.56 -9.24 24.50
N GLN B 147 -4.86 -8.30 25.39
CA GLN B 147 -6.14 -8.32 26.09
C GLN B 147 -7.24 -7.82 25.15
N ARG B 148 -8.41 -8.46 25.22
CA ARG B 148 -9.48 -8.16 24.28
C ARG B 148 -10.07 -6.77 24.53
N LYS B 149 -10.21 -6.38 25.79
CA LYS B 149 -10.73 -5.05 26.10
C LYS B 149 -9.89 -3.98 25.41
N PHE B 150 -8.57 -4.05 25.53
CA PHE B 150 -7.70 -3.10 24.85
C PHE B 150 -7.86 -3.18 23.34
N LEU B 151 -7.81 -4.41 22.79
CA LEU B 151 -7.90 -4.59 21.35
C LEU B 151 -9.16 -3.94 20.80
N GLU B 152 -10.30 -4.16 21.47
CA GLU B 152 -11.56 -3.62 20.98
C GLU B 152 -11.66 -2.12 21.20
N ASP B 153 -11.17 -1.63 22.34
CA ASP B 153 -11.18 -0.20 22.60
C ASP B 153 -10.31 0.54 21.60
N ALA B 154 -9.12 0.01 21.31
CA ALA B 154 -8.22 0.66 20.37
C ALA B 154 -8.81 0.70 18.97
N LYS B 155 -9.57 -0.32 18.59
CA LYS B 155 -10.17 -0.33 17.26
C LYS B 155 -11.37 0.58 17.17
N ASN B 156 -12.20 0.61 18.22
CA ASN B 156 -13.43 1.40 18.19
C ASN B 156 -13.14 2.90 18.32
N PHE B 157 -12.32 3.27 19.30
CA PHE B 157 -12.07 4.69 19.54
C PHE B 157 -11.10 5.29 18.55
N TYR B 158 -10.03 4.58 18.22
CA TYR B 158 -8.93 5.14 17.44
C TYR B 158 -8.75 4.50 16.07
N SER B 159 -9.55 3.50 15.71
CA SER B 159 -9.38 2.77 14.47
C SER B 159 -7.99 2.15 14.39
N ALA B 160 -7.41 1.85 15.55
CA ALA B 160 -6.07 1.32 15.64
C ALA B 160 -6.12 -0.20 15.63
N GLU B 161 -5.35 -0.81 14.74
CA GLU B 161 -5.28 -2.26 14.66
C GLU B 161 -4.11 -2.76 15.51
N THR B 162 -4.27 -3.97 16.03
CA THR B 162 -3.22 -4.65 16.78
C THR B 162 -2.86 -5.91 16.00
N ILE B 163 -1.70 -5.91 15.36
CA ILE B 163 -1.26 -6.97 14.48
C ILE B 163 -0.31 -7.86 15.26
N LEU B 164 -0.51 -9.17 15.18
CA LEU B 164 0.42 -10.11 15.78
C LEU B 164 1.64 -10.22 14.87
N THR B 165 2.82 -10.17 15.47
CA THR B 165 4.07 -10.16 14.74
C THR B 165 4.99 -11.22 15.30
N ASN B 166 5.93 -11.66 14.46
CA ASN B 166 6.89 -12.69 14.87
C ASN B 166 8.20 -11.98 15.19
N PHE B 167 8.25 -11.40 16.39
CA PHE B 167 9.45 -10.70 16.84
C PHE B 167 10.56 -11.66 17.24
N GLN B 168 10.33 -12.97 17.20
CA GLN B 168 11.41 -13.92 17.41
C GLN B 168 12.32 -14.03 16.19
N ASN B 169 11.84 -13.61 15.03
CA ASN B 169 12.66 -13.46 13.81
C ASN B 169 12.49 -12.02 13.33
N LEU B 170 13.43 -11.15 13.69
CA LEU B 170 13.26 -9.73 13.37
C LEU B 170 13.28 -9.50 11.87
N GLU B 171 14.01 -10.33 11.12
CA GLU B 171 13.96 -10.23 9.67
C GLU B 171 12.54 -10.47 9.18
N MET B 172 11.86 -11.48 9.74
CA MET B 172 10.48 -11.72 9.36
C MET B 172 9.56 -10.63 9.90
N ALA B 173 9.81 -10.17 11.13
CA ALA B 173 8.95 -9.15 11.74
C ALA B 173 9.02 -7.85 10.95
N GLN B 174 10.22 -7.44 10.54
CA GLN B 174 10.36 -6.21 9.77
C GLN B 174 9.60 -6.30 8.46
N LYS B 175 9.58 -7.48 7.84
CA LYS B 175 8.86 -7.66 6.58
C LYS B 175 7.36 -7.65 6.80
N GLN B 176 6.89 -8.27 7.89
CA GLN B 176 5.47 -8.21 8.23
C GLN B 176 5.02 -6.76 8.39
N ILE B 177 5.78 -5.98 9.15
CA ILE B 177 5.40 -4.60 9.46
C ILE B 177 5.34 -3.78 8.19
N ASN B 178 6.45 -3.76 7.43
CA ASN B 178 6.50 -2.92 6.23
C ASN B 178 5.43 -3.32 5.23
N ASP B 179 5.16 -4.63 5.09
CA ASP B 179 4.13 -5.07 4.17
C ASP B 179 2.76 -4.60 4.61
N PHE B 180 2.51 -4.62 5.93
CA PHE B 180 1.22 -4.15 6.43
C PHE B 180 1.03 -2.66 6.14
N ILE B 181 2.02 -1.85 6.46
CA ILE B 181 1.90 -0.40 6.26
C ILE B 181 1.80 -0.09 4.77
N SER B 182 2.61 -0.75 3.95
CA SER B 182 2.54 -0.51 2.50
C SER B 182 1.15 -0.82 1.97
N GLN B 183 0.54 -1.92 2.42
CA GLN B 183 -0.81 -2.23 1.97
C GLN B 183 -1.81 -1.21 2.49
N LYS B 184 -1.73 -0.87 3.77
CA LYS B 184 -2.72 0.03 4.35
C LYS B 184 -2.62 1.42 3.73
N THR B 185 -1.40 1.86 3.43
CA THR B 185 -1.17 3.20 2.88
C THR B 185 -1.13 3.19 1.36
N HIS B 186 -1.44 2.06 0.72
CA HIS B 186 -1.48 1.95 -0.73
C HIS B 186 -0.14 2.39 -1.35
N GLY B 187 0.93 1.86 -0.79
CA GLY B 187 2.26 2.12 -1.33
C GLY B 187 2.78 3.51 -1.08
N LYS B 188 2.15 4.27 -0.17
CA LYS B 188 2.67 5.60 0.15
C LYS B 188 3.78 5.53 1.19
N ILE B 189 3.67 4.60 2.15
CA ILE B 189 4.67 4.43 3.19
C ILE B 189 5.26 3.03 3.02
N ASN B 190 6.41 2.94 2.39
CA ASN B 190 7.11 1.68 2.18
C ASN B 190 8.42 1.72 2.95
N ASN B 191 8.87 0.56 3.40
CA ASN B 191 10.05 0.46 4.25
C ASN B 191 9.91 1.36 5.47
N LEU B 192 8.73 1.28 6.09
CA LEU B 192 8.47 2.08 7.29
C LEU B 192 9.51 1.80 8.36
N ILE B 193 9.83 0.54 8.60
CA ILE B 193 10.82 0.13 9.59
C ILE B 193 12.05 -0.37 8.85
N GLU B 194 13.21 0.19 9.18
CA GLU B 194 14.49 -0.26 8.63
C GLU B 194 15.41 -0.86 9.67
N ASN B 195 15.09 -0.77 10.95
CA ASN B 195 15.89 -1.39 11.99
C ASN B 195 15.02 -1.63 13.21
N ILE B 196 15.24 -2.77 13.87
CA ILE B 196 14.53 -3.12 15.10
C ILE B 196 15.57 -3.43 16.15
N ASP B 197 15.61 -2.63 17.22
CA ASP B 197 16.54 -2.87 18.29
C ASP B 197 16.35 -4.28 18.85
N PRO B 198 17.43 -4.97 19.24
CA PRO B 198 17.27 -6.29 19.85
C PRO B 198 16.41 -6.21 21.09
N GLY B 199 15.57 -7.22 21.29
CA GLY B 199 14.68 -7.27 22.42
C GLY B 199 13.30 -6.70 22.18
N THR B 200 13.07 -6.07 21.03
CA THR B 200 11.76 -5.49 20.75
C THR B 200 10.70 -6.58 20.65
N VAL B 201 9.58 -6.37 21.34
CA VAL B 201 8.43 -7.27 21.26
C VAL B 201 7.16 -6.49 20.97
N MET B 202 7.25 -5.16 20.97
CA MET B 202 6.11 -4.30 20.63
C MET B 202 6.59 -3.05 19.93
N LEU B 203 5.92 -2.68 18.84
CA LEU B 203 6.30 -1.54 18.03
C LEU B 203 5.05 -0.78 17.60
N LEU B 204 5.11 0.54 17.71
CA LEU B 204 3.99 1.42 17.39
C LEU B 204 4.30 2.21 16.12
N ALA B 205 3.37 2.21 15.17
CA ALA B 205 3.50 2.96 13.94
C ALA B 205 2.37 3.99 13.86
N ASN B 206 2.74 5.27 13.80
CA ASN B 206 1.80 6.37 13.61
C ASN B 206 2.12 7.06 12.29
N TYR B 207 1.12 7.21 11.44
CA TYR B 207 1.32 7.76 10.10
C TYR B 207 0.08 8.54 9.69
N ILE B 208 0.31 9.67 9.01
CA ILE B 208 -0.75 10.55 8.56
C ILE B 208 -0.42 11.08 7.17
N PHE B 209 -1.47 11.32 6.39
N PHE B 209 -1.46 11.32 6.38
CA PHE B 209 -1.36 11.83 5.03
CA PHE B 209 -1.32 11.85 5.03
C PHE B 209 -2.35 12.98 4.84
C PHE B 209 -2.35 12.95 4.82
N PHE B 210 -1.99 13.93 3.99
CA PHE B 210 -2.84 15.09 3.75
C PHE B 210 -2.68 15.61 2.34
N ARG B 211 -3.80 15.79 1.66
N ARG B 211 -3.81 15.76 1.64
CA ARG B 211 -3.83 16.31 0.30
CA ARG B 211 -3.82 16.32 0.30
C ARG B 211 -5.17 17.03 0.10
C ARG B 211 -5.16 17.03 0.12
N ALA B 212 -5.13 18.35 -0.05
CA ALA B 212 -6.32 19.17 -0.10
C ALA B 212 -6.27 20.15 -1.25
N ARG B 213 -7.46 20.54 -1.71
CA ARG B 213 -7.60 21.51 -2.80
C ARG B 213 -7.72 22.91 -2.21
N TRP B 214 -6.98 23.86 -2.78
CA TRP B 214 -7.06 25.24 -2.36
C TRP B 214 -8.46 25.81 -2.62
N LYS B 215 -8.75 26.93 -1.94
CA LYS B 215 -10.00 27.63 -2.17
C LYS B 215 -10.01 28.33 -3.52
N HIS B 216 -8.86 28.85 -3.95
CA HIS B 216 -8.70 29.44 -5.27
C HIS B 216 -7.47 28.80 -5.89
N GLU B 217 -7.67 28.00 -6.93
CA GLU B 217 -6.58 27.24 -7.51
C GLU B 217 -5.49 28.18 -8.03
N PHE B 218 -4.27 27.67 -8.08
CA PHE B 218 -3.14 28.38 -8.67
C PHE B 218 -3.02 27.98 -10.14
N ASP B 219 -2.52 28.91 -10.95
CA ASP B 219 -2.34 28.66 -12.38
C ASP B 219 -1.13 27.77 -12.58
N PRO B 220 -1.29 26.53 -13.06
CA PRO B 220 -0.11 25.67 -13.27
C PRO B 220 0.90 26.22 -14.24
N ASN B 221 0.48 27.11 -15.16
CA ASN B 221 1.41 27.67 -16.14
C ASN B 221 2.24 28.81 -15.57
N VAL B 222 1.64 29.63 -14.68
CA VAL B 222 2.38 30.72 -14.04
C VAL B 222 3.35 30.21 -13.00
N THR B 223 3.36 28.91 -12.74
CA THR B 223 4.27 28.30 -11.79
C THR B 223 5.61 28.09 -12.48
N LYS B 224 6.59 28.92 -12.14
CA LYS B 224 7.94 28.84 -12.69
C LYS B 224 8.89 28.26 -11.64
N GLU B 225 10.07 27.87 -12.11
CA GLU B 225 11.12 27.36 -11.22
C GLU B 225 11.99 28.53 -10.80
N GLU B 226 11.79 29.01 -9.58
CA GLU B 226 12.51 30.14 -9.02
C GLU B 226 13.52 29.66 -7.99
N ASP B 227 14.27 30.61 -7.44
CA ASP B 227 15.30 30.32 -6.45
C ASP B 227 14.71 30.33 -5.04
N PHE B 228 15.14 29.36 -4.23
CA PHE B 228 14.86 29.34 -2.80
C PHE B 228 16.20 29.45 -2.09
N PHE B 229 16.42 30.54 -1.38
CA PHE B 229 17.73 30.87 -0.83
C PHE B 229 17.89 30.16 0.51
N LEU B 230 18.66 29.07 0.51
CA LEU B 230 18.94 28.35 1.74
C LEU B 230 19.67 29.24 2.74
N GLU B 231 20.51 30.16 2.25
CA GLU B 231 21.25 31.08 3.10
C GLU B 231 21.30 32.44 2.39
N LYS B 232 22.01 33.38 3.01
CA LYS B 232 22.17 34.70 2.41
C LYS B 232 22.90 34.66 1.08
N ASN B 233 23.59 33.54 0.77
CA ASN B 233 24.29 33.42 -0.50
C ASN B 233 24.31 31.98 -1.01
N SER B 234 23.29 31.19 -0.67
CA SER B 234 23.19 29.80 -1.12
C SER B 234 21.78 29.57 -1.65
N SER B 235 21.67 29.29 -2.95
CA SER B 235 20.39 29.19 -3.62
C SER B 235 20.24 27.83 -4.30
N VAL B 236 18.97 27.48 -4.57
CA VAL B 236 18.63 26.29 -5.35
C VAL B 236 17.35 26.60 -6.11
N LYS B 237 17.18 25.95 -7.25
CA LYS B 237 16.00 26.16 -8.09
C LYS B 237 14.89 25.22 -7.65
N VAL B 238 13.74 25.80 -7.27
CA VAL B 238 12.59 25.03 -6.81
C VAL B 238 11.34 25.52 -7.53
N PRO B 239 10.39 24.64 -7.87
CA PRO B 239 9.13 25.12 -8.44
C PRO B 239 8.42 26.06 -7.48
N MET B 240 8.16 27.28 -7.95
CA MET B 240 7.57 28.34 -7.14
C MET B 240 6.24 28.77 -7.77
N MET B 241 5.15 28.55 -7.03
CA MET B 241 3.82 28.93 -7.47
C MET B 241 3.60 30.43 -7.27
N PHE B 242 2.53 30.95 -7.87
CA PHE B 242 2.22 32.36 -7.77
C PHE B 242 0.74 32.58 -8.01
N ARG B 243 0.15 33.50 -7.25
CA ARG B 243 -1.21 33.96 -7.50
C ARG B 243 -1.39 35.32 -6.84
N SER B 244 -2.32 36.11 -7.37
CA SER B 244 -2.67 37.41 -6.84
C SER B 244 -4.15 37.42 -6.47
N GLY B 245 -4.45 37.86 -5.26
CA GLY B 245 -5.83 37.89 -4.81
C GLY B 245 -5.90 38.40 -3.38
N ILE B 246 -7.10 38.29 -2.80
CA ILE B 246 -7.33 38.74 -1.44
C ILE B 246 -6.87 37.67 -0.47
N TYR B 247 -5.99 38.05 0.46
CA TYR B 247 -5.52 37.16 1.51
C TYR B 247 -5.39 37.96 2.80
N GLN B 248 -5.67 37.30 3.92
CA GLN B 248 -5.42 37.90 5.22
C GLN B 248 -3.93 37.84 5.53
N VAL B 249 -3.29 39.01 5.61
CA VAL B 249 -1.84 39.12 5.73
C VAL B 249 -1.52 40.19 6.76
N GLY B 250 -0.31 40.10 7.31
CA GLY B 250 0.13 41.05 8.30
C GLY B 250 1.62 40.95 8.54
N TYR B 251 2.07 41.62 9.60
CA TYR B 251 3.47 41.61 9.99
C TYR B 251 3.52 41.79 11.50
N ASP B 252 4.37 40.99 12.15
CA ASP B 252 4.49 40.97 13.61
C ASP B 252 5.81 41.67 13.95
N ASP B 253 5.71 42.92 14.43
CA ASP B 253 6.89 43.70 14.75
C ASP B 253 7.64 43.17 15.97
N LYS B 254 7.06 42.22 16.71
CA LYS B 254 7.76 41.64 17.85
C LYS B 254 8.74 40.56 17.41
N LEU B 255 8.26 39.57 16.67
CA LEU B 255 9.10 38.51 16.13
C LEU B 255 9.68 38.85 14.76
N SER B 256 9.29 39.98 14.17
CA SER B 256 9.82 40.41 12.87
C SER B 256 9.53 39.36 11.80
N CYS B 257 8.29 38.88 11.77
CA CYS B 257 7.88 37.85 10.83
C CYS B 257 6.57 38.26 10.15
N THR B 258 6.47 37.94 8.87
CA THR B 258 5.23 38.12 8.11
C THR B 258 4.35 36.88 8.24
N ILE B 259 3.05 37.11 8.33
CA ILE B 259 2.06 36.05 8.49
C ILE B 259 1.08 36.11 7.33
N LEU B 260 0.96 35.02 6.58
CA LEU B 260 0.05 34.91 5.46
C LEU B 260 -0.86 33.70 5.65
N GLU B 261 -2.08 33.81 5.15
CA GLU B 261 -3.05 32.71 5.17
C GLU B 261 -3.53 32.44 3.75
N ILE B 262 -3.26 31.23 3.26
CA ILE B 262 -3.80 30.72 2.00
C ILE B 262 -4.82 29.64 2.35
N PRO B 263 -6.11 29.87 2.11
CA PRO B 263 -7.13 28.92 2.60
C PRO B 263 -7.35 27.74 1.66
N TYR B 264 -7.60 26.58 2.28
CA TYR B 264 -8.06 25.41 1.55
C TYR B 264 -9.59 25.47 1.40
N GLN B 265 -10.12 24.53 0.62
CA GLN B 265 -11.56 24.51 0.39
C GLN B 265 -12.31 23.92 1.57
N LYS B 266 -11.82 22.80 2.12
CA LYS B 266 -12.55 22.05 3.13
C LYS B 266 -12.23 22.57 4.54
N ASN B 267 -12.46 23.87 4.72
CA ASN B 267 -12.41 24.50 6.04
C ASN B 267 -11.05 24.31 6.71
N ILE B 268 -9.99 24.41 5.91
CA ILE B 268 -8.62 24.30 6.42
C ILE B 268 -7.81 25.45 5.85
N THR B 269 -6.81 25.89 6.61
CA THR B 269 -6.01 27.06 6.26
C THR B 269 -4.53 26.73 6.39
N ALA B 270 -3.76 27.14 5.39
CA ALA B 270 -2.31 27.04 5.42
C ALA B 270 -1.74 28.38 5.86
N ILE B 271 -1.02 28.37 6.98
CA ILE B 271 -0.48 29.59 7.57
C ILE B 271 1.03 29.57 7.34
N PHE B 272 1.51 30.50 6.51
CA PHE B 272 2.93 30.64 6.21
C PHE B 272 3.48 31.80 7.04
N ILE B 273 4.46 31.49 7.89
CA ILE B 273 5.15 32.50 8.68
C ILE B 273 6.53 32.70 8.06
N LEU B 274 6.76 33.86 7.44
CA LEU B 274 8.01 34.16 6.77
C LEU B 274 8.84 35.08 7.67
N PRO B 275 9.79 34.56 8.44
CA PRO B 275 10.61 35.44 9.29
C PRO B 275 11.54 36.33 8.46
N ASP B 276 11.81 37.51 8.99
CA ASP B 276 12.82 38.38 8.41
C ASP B 276 14.20 37.75 8.53
N GLU B 277 15.12 38.23 7.69
CA GLU B 277 16.46 37.67 7.62
C GLU B 277 17.09 37.55 9.01
N GLY B 278 17.53 36.34 9.35
CA GLY B 278 18.23 36.09 10.59
C GLY B 278 17.37 36.02 11.82
N LYS B 279 16.05 36.07 11.67
CA LYS B 279 15.12 36.01 12.80
C LYS B 279 14.40 34.67 12.90
N LEU B 280 14.83 33.66 12.13
CA LEU B 280 14.16 32.36 12.22
C LEU B 280 14.33 31.74 13.60
N LYS B 281 15.54 31.81 14.15
CA LYS B 281 15.75 31.30 15.50
C LYS B 281 14.91 32.07 16.50
N HIS B 282 14.91 33.41 16.40
CA HIS B 282 14.10 34.22 17.29
C HIS B 282 12.62 33.83 17.19
N LEU B 283 12.15 33.55 15.98
CA LEU B 283 10.78 33.10 15.81
C LEU B 283 10.55 31.76 16.48
N GLU B 284 11.50 30.82 16.31
CA GLU B 284 11.35 29.49 16.89
C GLU B 284 11.27 29.56 18.40
N LYS B 285 12.07 30.41 19.03
CA LYS B 285 12.09 30.47 20.49
C LYS B 285 10.80 31.09 21.04
N GLY B 286 10.30 32.14 20.38
CA GLY B 286 9.12 32.82 20.85
C GLY B 286 7.79 32.24 20.43
N LEU B 287 7.78 31.18 19.62
CA LEU B 287 6.52 30.60 19.19
C LEU B 287 5.77 30.01 20.37
N GLN B 288 4.51 30.43 20.54
CA GLN B 288 3.67 29.96 21.62
C GLN B 288 2.22 30.01 21.13
N VAL B 289 1.32 29.40 21.91
CA VAL B 289 -0.10 29.55 21.63
C VAL B 289 -0.52 31.00 21.82
N ASP B 290 0.05 31.68 22.82
CA ASP B 290 -0.19 33.11 22.97
C ASP B 290 0.18 33.86 21.71
N THR B 291 1.26 33.43 21.04
CA THR B 291 1.62 34.02 19.75
C THR B 291 0.57 33.69 18.70
N PHE B 292 0.03 32.46 18.74
CA PHE B 292 -0.99 32.06 17.76
C PHE B 292 -2.25 32.90 17.93
N SER B 293 -2.73 33.04 19.17
CA SER B 293 -3.88 33.88 19.43
C SER B 293 -3.58 35.36 19.17
N ARG B 294 -2.31 35.75 19.19
CA ARG B 294 -1.93 37.14 18.97
C ARG B 294 -1.80 37.47 17.48
N TRP B 295 -1.21 36.56 16.69
CA TRP B 295 -1.09 36.81 15.25
C TRP B 295 -2.45 37.09 14.63
N LYS B 296 -3.49 36.44 15.13
CA LYS B 296 -4.84 36.68 14.62
C LYS B 296 -5.21 38.16 14.63
N THR B 297 -4.66 38.92 15.58
CA THR B 297 -4.94 40.35 15.66
C THR B 297 -4.34 41.11 14.49
N LEU B 298 -3.16 40.70 14.02
CA LEU B 298 -2.43 41.47 13.03
C LEU B 298 -2.86 41.18 11.59
N LEU B 299 -3.95 40.44 11.40
CA LEU B 299 -4.38 40.04 10.07
C LEU B 299 -5.41 41.02 9.53
N SER B 300 -5.54 41.03 8.20
CA SER B 300 -6.49 41.91 7.53
C SER B 300 -6.58 41.51 6.07
N ARG B 301 -7.80 41.56 5.52
CA ARG B 301 -8.01 41.18 4.13
C ARG B 301 -7.38 42.20 3.20
N ARG B 302 -6.37 41.77 2.44
CA ARG B 302 -5.64 42.65 1.54
C ARG B 302 -5.25 41.87 0.28
N VAL B 303 -5.10 42.60 -0.82
CA VAL B 303 -4.63 42.01 -2.07
C VAL B 303 -3.12 41.80 -1.97
N VAL B 304 -2.69 40.56 -2.25
CA VAL B 304 -1.29 40.18 -2.09
C VAL B 304 -0.85 39.41 -3.33
N ASP B 305 0.38 39.68 -3.78
CA ASP B 305 1.02 38.91 -4.85
C ASP B 305 1.87 37.84 -4.18
N VAL B 306 1.30 36.65 -4.03
CA VAL B 306 1.90 35.56 -3.26
C VAL B 306 2.76 34.70 -4.18
N SER B 307 3.92 34.29 -3.68
CA SER B 307 4.80 33.34 -4.36
C SER B 307 5.19 32.27 -3.36
N VAL B 308 4.62 31.07 -3.50
CA VAL B 308 4.76 30.00 -2.53
C VAL B 308 5.43 28.81 -3.21
N PRO B 309 6.42 28.17 -2.59
CA PRO B 309 7.00 26.96 -3.18
C PRO B 309 6.07 25.77 -3.07
N ARG B 310 6.15 24.88 -4.04
CA ARG B 310 5.48 23.59 -3.93
C ARG B 310 6.20 22.71 -2.91
N LEU B 311 5.45 21.77 -2.32
CA LEU B 311 5.98 20.89 -1.30
C LEU B 311 5.43 19.49 -1.47
N HIS B 312 6.29 18.51 -1.24
CA HIS B 312 5.90 17.10 -1.06
C HIS B 312 6.73 16.61 0.13
N MET B 313 6.27 16.96 1.33
CA MET B 313 7.04 16.73 2.54
C MET B 313 6.74 15.34 3.11
N THR B 314 7.79 14.71 3.63
CA THR B 314 7.68 13.47 4.39
C THR B 314 8.62 13.60 5.58
N GLY B 315 8.08 13.38 6.77
CA GLY B 315 8.88 13.44 7.98
C GLY B 315 8.83 12.15 8.76
N THR B 316 9.99 11.62 9.11
CA THR B 316 10.10 10.38 9.88
C THR B 316 10.79 10.69 11.20
N PHE B 317 10.20 10.24 12.30
CA PHE B 317 10.70 10.57 13.62
C PHE B 317 10.71 9.33 14.49
N ASP B 318 11.81 9.12 15.20
CA ASP B 318 11.88 8.13 16.27
C ASP B 318 11.17 8.71 17.48
N LEU B 319 9.96 8.23 17.76
CA LEU B 319 9.17 8.80 18.84
C LEU B 319 9.79 8.58 20.20
N LYS B 320 10.71 7.63 20.31
CA LYS B 320 11.41 7.43 21.59
C LYS B 320 12.31 8.62 21.88
N LYS B 321 13.07 9.09 20.88
CA LYS B 321 13.91 10.26 21.08
C LYS B 321 13.09 11.54 21.12
N THR B 322 12.11 11.67 20.22
CA THR B 322 11.32 12.89 20.16
C THR B 322 10.61 13.16 21.47
N LEU B 323 9.92 12.15 22.01
CA LEU B 323 9.16 12.35 23.24
C LEU B 323 10.06 12.56 24.45
N SER B 324 11.32 12.12 24.39
CA SER B 324 12.24 12.45 25.48
C SER B 324 12.36 13.95 25.66
N TYR B 325 12.16 14.72 24.59
CA TYR B 325 12.23 16.17 24.64
C TYR B 325 11.04 16.79 25.37
N ILE B 326 10.05 15.99 25.78
CA ILE B 326 8.91 16.52 26.52
C ILE B 326 8.66 15.67 27.75
N GLY B 327 9.66 14.87 28.14
CA GLY B 327 9.59 14.16 29.39
C GLY B 327 8.72 12.93 29.40
N VAL B 328 8.60 12.23 28.29
CA VAL B 328 7.86 10.96 28.21
C VAL B 328 8.88 9.87 27.85
N SER B 329 8.99 8.86 28.70
CA SER B 329 9.95 7.79 28.47
C SER B 329 9.48 6.46 29.04
N LYS B 330 8.67 6.51 30.12
CA LYS B 330 8.27 5.27 30.77
C LYS B 330 7.53 4.33 29.82
N ILE B 331 6.81 4.88 28.84
CA ILE B 331 6.09 4.03 27.91
C ILE B 331 7.06 3.15 27.12
N PHE B 332 8.29 3.62 26.94
CA PHE B 332 9.34 2.86 26.26
C PHE B 332 10.24 2.14 27.26
N GLU B 333 9.77 1.93 28.48
CA GLU B 333 10.57 1.31 29.53
C GLU B 333 9.74 0.26 30.25
N GLU B 334 10.46 -0.67 30.90
CA GLU B 334 9.84 -1.80 31.59
C GLU B 334 9.53 -1.38 33.03
N HIS B 335 8.24 -1.19 33.33
CA HIS B 335 7.80 -0.94 34.69
C HIS B 335 6.60 -1.78 35.11
N GLY B 336 6.02 -2.57 34.21
CA GLY B 336 4.86 -3.37 34.54
C GLY B 336 3.55 -2.62 34.46
N ASP B 337 3.49 -1.57 33.65
CA ASP B 337 2.34 -0.69 33.58
C ASP B 337 1.46 -0.94 32.37
N LEU B 338 1.87 -1.85 31.49
CA LEU B 338 1.15 -2.14 30.25
C LEU B 338 0.49 -3.51 30.30
N THR B 339 0.20 -4.02 31.50
CA THR B 339 -0.40 -5.34 31.62
C THR B 339 -1.80 -5.41 31.02
N LYS B 340 -2.49 -4.27 30.90
CA LYS B 340 -3.80 -4.28 30.25
C LYS B 340 -3.69 -4.50 28.75
N ILE B 341 -2.52 -4.27 28.15
CA ILE B 341 -2.33 -4.61 26.74
C ILE B 341 -2.11 -6.10 26.58
N ALA B 342 -1.14 -6.65 27.30
CA ALA B 342 -0.82 -8.07 27.26
C ALA B 342 -0.35 -8.41 28.67
N PRO B 343 -0.82 -9.52 29.25
CA PRO B 343 -0.44 -9.80 30.65
C PRO B 343 1.02 -10.18 30.78
N HIS B 344 1.89 -9.17 30.89
CA HIS B 344 3.30 -9.38 31.11
C HIS B 344 3.85 -8.11 31.75
N ARG B 345 4.61 -8.27 32.84
CA ARG B 345 5.16 -7.11 33.52
C ARG B 345 6.33 -6.49 32.75
N SER B 346 6.99 -7.27 31.90
CA SER B 346 8.15 -6.79 31.16
C SER B 346 7.77 -6.11 29.85
N LEU B 347 6.48 -5.93 29.60
CA LEU B 347 6.02 -5.35 28.34
C LEU B 347 6.39 -3.88 28.25
N LYS B 348 6.80 -3.45 27.05
CA LYS B 348 7.13 -2.05 26.83
C LYS B 348 7.09 -1.80 25.33
N VAL B 349 6.80 -0.55 24.95
CA VAL B 349 6.87 -0.15 23.56
C VAL B 349 8.36 -0.05 23.19
N GLY B 350 8.88 -1.09 22.53
CA GLY B 350 10.29 -1.09 22.22
C GLY B 350 10.69 -0.06 21.19
N GLU B 351 9.80 0.24 20.24
CA GLU B 351 10.09 1.20 19.20
C GLU B 351 8.79 1.88 18.77
N ALA B 352 8.90 3.14 18.40
CA ALA B 352 7.73 3.93 18.02
C ALA B 352 8.15 4.91 16.92
N VAL B 353 7.39 4.92 15.82
CA VAL B 353 7.72 5.71 14.65
C VAL B 353 6.52 6.57 14.28
N HIS B 354 6.79 7.82 13.93
CA HIS B 354 5.79 8.73 13.38
C HIS B 354 6.17 9.08 11.95
N LYS B 355 5.16 9.16 11.08
CA LYS B 355 5.38 9.54 9.69
C LYS B 355 4.30 10.54 9.29
N ALA B 356 4.72 11.73 8.90
CA ALA B 356 3.82 12.76 8.40
C ALA B 356 4.13 12.99 6.93
N GLU B 357 3.07 13.09 6.12
CA GLU B 357 3.22 13.28 4.69
C GLU B 357 2.19 14.31 4.21
N LEU B 358 2.64 15.24 3.38
CA LEU B 358 1.78 16.28 2.86
C LEU B 358 2.23 16.61 1.45
N LYS B 359 1.27 16.90 0.58
CA LYS B 359 1.53 17.31 -0.79
C LYS B 359 0.80 18.63 -1.02
N MET B 360 1.56 19.67 -1.38
CA MET B 360 1.03 21.00 -1.64
C MET B 360 1.33 21.35 -3.09
N ASP B 361 0.28 21.52 -3.89
CA ASP B 361 0.44 21.85 -5.30
C ASP B 361 -0.61 22.89 -5.67
N GLU B 362 -0.80 23.10 -6.97
CA GLU B 362 -1.67 24.17 -7.46
C GLU B 362 -3.14 23.78 -7.46
N ARG B 363 -3.47 22.52 -7.22
N ARG B 363 -3.47 22.51 -7.23
CA ARG B 363 -4.85 22.07 -7.32
CA ARG B 363 -4.86 22.07 -7.33
C ARG B 363 -5.74 22.86 -6.37
C ARG B 363 -5.74 22.86 -6.37
N GLY B 364 -6.94 23.18 -6.84
CA GLY B 364 -7.89 23.92 -6.03
C GLY B 364 -9.25 23.90 -6.69
N THR B 365 -10.23 24.47 -5.98
CA THR B 365 -11.57 24.58 -6.54
C THR B 365 -11.57 25.49 -7.76
N GLU B 366 -10.90 26.65 -7.66
CA GLU B 366 -10.81 27.70 -8.68
C GLU B 366 -11.10 29.06 -8.02
N MET B 378 -8.18 45.73 -6.62
CA MET B 378 -8.96 46.42 -5.60
C MET B 378 -8.16 47.57 -4.98
N GLU B 379 -6.92 47.27 -4.59
CA GLU B 379 -6.05 48.25 -3.95
C GLU B 379 -4.62 47.99 -4.40
N THR B 380 -3.67 48.69 -3.79
CA THR B 380 -2.25 48.51 -4.09
C THR B 380 -1.83 47.08 -3.73
N PRO B 381 -1.45 46.26 -4.70
CA PRO B 381 -1.07 44.87 -4.38
C PRO B 381 0.14 44.83 -3.47
N LEU B 382 0.05 44.04 -2.41
CA LEU B 382 1.19 43.73 -1.57
C LEU B 382 2.09 42.71 -2.28
N VAL B 383 3.23 42.40 -1.67
CA VAL B 383 4.18 41.44 -2.22
C VAL B 383 4.73 40.61 -1.09
N VAL B 384 4.47 39.30 -1.13
CA VAL B 384 5.02 38.35 -0.16
C VAL B 384 5.48 37.14 -0.96
N LYS B 385 6.80 36.95 -1.05
CA LYS B 385 7.39 35.81 -1.75
C LYS B 385 8.14 34.96 -0.73
N ILE B 386 7.64 33.76 -0.48
CA ILE B 386 8.28 32.80 0.41
C ILE B 386 9.47 32.16 -0.30
N ASP B 387 10.63 32.81 -0.23
CA ASP B 387 11.84 32.36 -0.90
C ASP B 387 12.99 32.18 0.09
N LYS B 388 12.67 31.89 1.34
CA LYS B 388 13.67 31.67 2.38
C LYS B 388 13.04 30.85 3.49
N PRO B 389 13.86 30.18 4.32
CA PRO B 389 13.30 29.28 5.35
C PRO B 389 12.09 29.86 6.07
N TYR B 390 11.01 29.08 6.12
CA TYR B 390 9.75 29.54 6.69
C TYR B 390 9.13 28.44 7.52
N LEU B 391 8.10 28.81 8.29
CA LEU B 391 7.31 27.86 9.05
C LEU B 391 5.94 27.72 8.40
N LEU B 392 5.39 26.50 8.47
CA LEU B 392 4.11 26.18 7.88
C LEU B 392 3.23 25.51 8.92
N LEU B 393 1.97 25.97 9.01
CA LEU B 393 0.98 25.38 9.89
C LEU B 393 -0.27 25.11 9.08
N ILE B 394 -0.68 23.85 9.02
CA ILE B 394 -1.96 23.48 8.42
C ILE B 394 -2.98 23.43 9.55
N TYR B 395 -3.87 24.41 9.58
CA TYR B 395 -4.77 24.65 10.70
C TYR B 395 -6.20 24.40 10.25
N SER B 396 -6.87 23.45 10.90
CA SER B 396 -8.28 23.23 10.67
C SER B 396 -9.09 24.26 11.46
N GLU B 397 -10.20 24.69 10.87
CA GLU B 397 -11.03 25.72 11.50
C GLU B 397 -12.18 25.11 12.26
N LYS B 398 -12.85 24.10 11.70
CA LYS B 398 -13.74 23.26 12.48
C LYS B 398 -12.89 22.45 13.44
N ILE B 399 -13.21 22.49 14.73
CA ILE B 399 -12.42 21.73 15.70
C ILE B 399 -11.00 22.26 15.56
N PRO B 400 -10.71 23.47 16.06
CA PRO B 400 -9.39 24.07 15.79
C PRO B 400 -8.23 23.14 16.13
N SER B 401 -7.52 22.69 15.10
CA SER B 401 -6.51 21.65 15.24
C SER B 401 -5.34 21.93 14.33
N VAL B 402 -4.12 21.77 14.86
CA VAL B 402 -2.90 21.93 14.09
C VAL B 402 -2.58 20.57 13.47
N LEU B 403 -3.01 20.37 12.23
CA LEU B 403 -2.78 19.09 11.57
C LEU B 403 -1.29 18.87 11.33
N PHE B 404 -0.59 19.89 10.83
CA PHE B 404 0.83 19.78 10.55
C PHE B 404 1.56 21.02 11.05
N LEU B 405 2.83 20.84 11.37
CA LEU B 405 3.69 21.90 11.87
C LEU B 405 5.06 21.68 11.26
N GLY B 406 5.50 22.60 10.42
CA GLY B 406 6.69 22.39 9.61
C GLY B 406 7.67 23.55 9.65
N LYS B 407 8.96 23.21 9.66
CA LYS B 407 10.05 24.17 9.48
C LYS B 407 10.72 23.80 8.15
N ILE B 408 10.38 24.53 7.10
CA ILE B 408 10.85 24.22 5.75
C ILE B 408 12.10 25.04 5.49
N VAL B 409 13.26 24.40 5.63
CA VAL B 409 14.53 25.03 5.25
C VAL B 409 14.90 24.75 3.80
N ASN B 410 14.26 23.77 3.16
CA ASN B 410 14.48 23.46 1.75
C ASN B 410 13.28 22.70 1.20
N PRO B 411 12.45 23.34 0.38
CA PRO B 411 11.22 22.66 -0.09
C PRO B 411 11.49 21.45 -0.96
N ILE B 412 12.68 21.32 -1.55
CA ILE B 412 13.02 20.17 -2.39
C ILE B 412 14.06 19.28 -1.75
N GLY B 413 14.49 19.56 -0.52
CA GLY B 413 15.43 18.70 0.13
C GLY B 413 14.74 17.48 0.75
N LYS B 414 15.56 16.55 1.23
CA LYS B 414 15.03 15.29 1.75
C LYS B 414 16.00 14.64 2.72
#